data_5ZFV
#
_entry.id   5ZFV
#
_cell.length_a   1.00
_cell.length_b   1.00
_cell.length_c   1.00
_cell.angle_alpha   90.00
_cell.angle_beta   90.00
_cell.angle_gamma   90.00
#
_symmetry.space_group_name_H-M   'P 1'
#
loop_
_entity.id
_entity.type
_entity.pdbx_description
1 polymer 'Biopolymer transport protein ExbB'
2 polymer '22-mer peptide from Biopolymer transport protein ExbD'
#
loop_
_entity_poly.entity_id
_entity_poly.type
_entity_poly.pdbx_seq_one_letter_code
_entity_poly.pdbx_strand_id
1 'polypeptide(L)'
;MGNNLMQTDLSVWGMYQHADIVVKCVMIGLILASVVTWAIFFSKSVEFFNQKRRLKREQQLLAEARSLNQANDIAADFGS
KSLSLHLLNEAQNELELSEGSDDNEGIKERTSFRLERRVAAVGRQMGRGNGYLATIGAISPFVGLFGTVWGIMNSFIGIA
QTQTTNLAVVAPGIAEALLATAIGLVAAIPAVVIYNVFARQIGGFKAMLGDVAAQVLLLQSRDLDLEASAAAHPVRVAQK
LRAG
;
A,B,C,D,E
2 'polypeptide(L)' NVTPFIDVMLVLLIIFMVAAPL F
#
# COMPACT_ATOMS: atom_id res chain seq x y z
N SER A 11 10.71 -5.25 -47.35
CA SER A 11 9.38 -5.80 -47.55
C SER A 11 8.56 -5.72 -46.27
N VAL A 12 7.26 -5.50 -46.43
CA VAL A 12 6.36 -5.42 -45.27
C VAL A 12 6.22 -6.79 -44.61
N TRP A 13 5.95 -7.82 -45.41
CA TRP A 13 5.99 -9.17 -44.88
C TRP A 13 7.42 -9.60 -44.57
N GLY A 14 8.41 -8.98 -45.23
CA GLY A 14 9.77 -9.09 -44.77
C GLY A 14 9.98 -8.49 -43.41
N MET A 15 9.33 -7.34 -43.15
CA MET A 15 9.37 -6.74 -41.81
C MET A 15 8.64 -7.59 -40.79
N TYR A 16 7.67 -8.39 -41.22
CA TYR A 16 7.09 -9.40 -40.34
C TYR A 16 8.07 -10.54 -40.09
N GLN A 17 8.75 -11.00 -41.14
CA GLN A 17 9.53 -12.23 -41.12
C GLN A 17 11.03 -12.03 -40.90
N HIS A 18 11.48 -10.87 -40.41
CA HIS A 18 12.93 -10.69 -40.20
C HIS A 18 13.47 -11.61 -39.10
N ALA A 19 13.02 -11.41 -37.86
CA ALA A 19 13.79 -11.91 -36.72
C ALA A 19 13.54 -13.40 -36.45
N ASP A 20 12.33 -13.75 -36.03
CA ASP A 20 12.08 -15.03 -35.39
C ASP A 20 10.58 -15.22 -35.31
N ILE A 21 10.15 -16.44 -34.97
CA ILE A 21 8.74 -16.73 -34.79
C ILE A 21 8.36 -16.96 -33.33
N VAL A 22 9.32 -17.22 -32.44
CA VAL A 22 9.03 -17.29 -31.01
C VAL A 22 8.66 -15.90 -30.48
N VAL A 23 9.37 -14.88 -30.98
CA VAL A 23 9.03 -13.48 -30.66
C VAL A 23 7.64 -13.15 -31.19
N LYS A 24 7.31 -13.65 -32.37
CA LYS A 24 5.96 -13.52 -32.92
C LYS A 24 4.93 -14.16 -32.01
N CYS A 25 5.25 -15.35 -31.47
CA CYS A 25 4.33 -16.05 -30.57
C CYS A 25 4.10 -15.28 -29.28
N VAL A 26 5.17 -14.68 -28.74
CA VAL A 26 5.06 -13.88 -27.53
C VAL A 26 4.20 -12.64 -27.78
N MET A 27 4.42 -11.98 -28.93
CA MET A 27 3.66 -10.77 -29.25
C MET A 27 2.18 -11.06 -29.48
N ILE A 28 1.87 -12.17 -30.16
CA ILE A 28 0.46 -12.47 -30.38
C ILE A 28 -0.18 -13.00 -29.11
N GLY A 29 0.60 -13.59 -28.20
CA GLY A 29 0.06 -13.92 -26.89
C GLY A 29 -0.30 -12.68 -26.10
N LEU A 30 0.52 -11.64 -26.21
CA LEU A 30 0.20 -10.35 -25.62
C LEU A 30 -1.08 -9.77 -26.23
N ILE A 31 -1.22 -9.87 -27.56
CA ILE A 31 -2.38 -9.28 -28.22
C ILE A 31 -3.65 -10.08 -27.92
N LEU A 32 -3.54 -11.41 -27.77
CA LEU A 32 -4.72 -12.21 -27.45
C LEU A 32 -5.16 -12.02 -25.99
N ALA A 33 -4.20 -11.90 -25.07
CA ALA A 33 -4.55 -11.55 -23.69
C ALA A 33 -5.17 -10.15 -23.63
N SER A 34 -4.68 -9.25 -24.49
CA SER A 34 -5.30 -7.93 -24.64
C SER A 34 -6.75 -8.04 -25.07
N VAL A 35 -7.04 -8.89 -26.07
CA VAL A 35 -8.40 -9.02 -26.61
C VAL A 35 -9.35 -9.62 -25.57
N VAL A 36 -8.90 -10.64 -24.84
CA VAL A 36 -9.82 -11.22 -23.85
C VAL A 36 -10.03 -10.26 -22.68
N THR A 37 -9.03 -9.45 -22.34
CA THR A 37 -9.27 -8.43 -21.35
C THR A 37 -10.04 -7.23 -21.91
N TRP A 38 -10.00 -6.99 -23.22
CA TRP A 38 -10.92 -6.05 -23.84
C TRP A 38 -12.35 -6.51 -23.65
N ALA A 39 -12.58 -7.80 -23.84
CA ALA A 39 -13.90 -8.39 -23.60
C ALA A 39 -14.31 -8.23 -22.14
N ILE A 40 -13.35 -8.41 -21.22
CA ILE A 40 -13.60 -8.17 -19.80
C ILE A 40 -14.02 -6.72 -19.57
N PHE A 41 -13.26 -5.78 -20.14
CA PHE A 41 -13.55 -4.35 -19.99
C PHE A 41 -14.91 -3.98 -20.55
N PHE A 42 -15.22 -4.48 -21.75
CA PHE A 42 -16.48 -4.14 -22.42
C PHE A 42 -17.67 -4.68 -21.65
N SER A 43 -17.56 -5.93 -21.17
CA SER A 43 -18.66 -6.57 -20.47
C SER A 43 -18.91 -5.90 -19.12
N LYS A 44 -17.84 -5.66 -18.35
CA LYS A 44 -18.02 -4.99 -17.06
C LYS A 44 -18.47 -3.56 -17.25
N SER A 45 -18.06 -2.91 -18.35
CA SER A 45 -18.50 -1.55 -18.63
C SER A 45 -19.99 -1.47 -18.88
N VAL A 46 -20.50 -2.31 -19.80
CA VAL A 46 -21.93 -2.25 -20.11
C VAL A 46 -22.76 -2.78 -18.92
N GLU A 47 -22.20 -3.73 -18.17
CA GLU A 47 -22.88 -4.26 -17.00
C GLU A 47 -23.00 -3.21 -15.91
N PHE A 48 -21.92 -2.47 -15.65
CA PHE A 48 -22.00 -1.46 -14.62
C PHE A 48 -22.75 -0.23 -15.10
N PHE A 49 -22.88 -0.01 -16.40
CA PHE A 49 -23.83 1.03 -16.82
C PHE A 49 -25.26 0.63 -16.54
N ASN A 50 -25.61 -0.63 -16.82
CA ASN A 50 -26.93 -1.14 -16.47
C ASN A 50 -27.17 -0.98 -14.98
N GLN A 51 -26.15 -1.32 -14.19
CA GLN A 51 -26.21 -1.16 -12.74
C GLN A 51 -26.30 0.30 -12.33
N LYS A 52 -25.58 1.18 -13.02
CA LYS A 52 -25.52 2.58 -12.61
C LYS A 52 -26.83 3.28 -12.93
N ARG A 53 -27.34 3.11 -14.14
CA ARG A 53 -28.65 3.65 -14.50
C ARG A 53 -29.74 3.05 -13.62
N ARG A 54 -29.65 1.73 -13.35
CA ARG A 54 -30.63 1.05 -12.52
C ARG A 54 -30.63 1.62 -11.12
N LEU A 55 -29.51 1.48 -10.39
CA LEU A 55 -29.38 1.99 -9.03
C LEU A 55 -29.48 3.50 -8.96
N LYS A 56 -29.27 4.21 -10.07
CA LYS A 56 -29.54 5.64 -10.14
C LYS A 56 -31.02 5.91 -9.90
N ARG A 57 -31.89 5.36 -10.77
CA ARG A 57 -33.32 5.57 -10.55
C ARG A 57 -33.84 4.83 -9.32
N GLU A 58 -33.22 3.70 -8.98
CA GLU A 58 -33.63 2.95 -7.80
C GLU A 58 -33.30 3.69 -6.52
N GLN A 59 -32.14 4.35 -6.48
CA GLN A 59 -31.74 5.13 -5.33
C GLN A 59 -32.59 6.38 -5.21
N GLN A 60 -32.95 6.98 -6.35
CA GLN A 60 -33.97 8.03 -6.37
C GLN A 60 -35.28 7.58 -5.73
N LEU A 61 -35.74 6.38 -6.07
CA LEU A 61 -37.04 5.94 -5.56
C LEU A 61 -36.96 5.38 -4.15
N LEU A 62 -35.78 4.93 -3.72
CA LEU A 62 -35.64 4.23 -2.45
C LEU A 62 -35.06 5.10 -1.33
N ALA A 63 -34.50 6.27 -1.65
CA ALA A 63 -34.27 7.25 -0.60
C ALA A 63 -35.60 7.77 -0.07
N GLU A 64 -36.63 7.81 -0.91
CA GLU A 64 -37.98 8.15 -0.52
C GLU A 64 -38.78 6.93 -0.06
N ALA A 65 -38.17 5.75 0.00
CA ALA A 65 -38.87 4.59 0.56
C ALA A 65 -38.92 4.76 2.07
N ARG A 66 -39.97 5.45 2.55
CA ARG A 66 -40.03 5.91 3.93
C ARG A 66 -40.27 4.78 4.94
N SER A 67 -40.63 3.59 4.50
CA SER A 67 -40.70 2.44 5.39
C SER A 67 -40.04 1.26 4.72
N LEU A 68 -39.68 0.27 5.55
CA LEU A 68 -39.08 -0.95 5.01
C LEU A 68 -40.08 -1.76 4.20
N ASN A 69 -41.36 -1.67 4.54
CA ASN A 69 -42.38 -2.27 3.69
C ASN A 69 -42.52 -1.49 2.39
N GLN A 70 -42.37 -0.16 2.45
CA GLN A 70 -42.27 0.62 1.22
C GLN A 70 -41.00 0.30 0.46
N ALA A 71 -39.93 -0.08 1.17
CA ALA A 71 -38.72 -0.53 0.50
C ALA A 71 -38.95 -1.88 -0.20
N ASN A 72 -39.69 -2.78 0.43
CA ASN A 72 -40.03 -4.05 -0.21
C ASN A 72 -40.94 -3.83 -1.40
N ASP A 73 -41.81 -2.83 -1.32
CA ASP A 73 -42.66 -2.47 -2.45
C ASP A 73 -41.84 -1.93 -3.61
N ILE A 74 -40.98 -0.95 -3.32
CA ILE A 74 -40.27 -0.26 -4.39
C ILE A 74 -39.14 -1.12 -4.93
N ALA A 75 -38.29 -1.67 -4.06
CA ALA A 75 -37.11 -2.41 -4.49
C ALA A 75 -37.41 -3.83 -4.94
N ALA A 76 -38.68 -4.17 -5.12
CA ALA A 76 -39.02 -5.47 -5.68
C ALA A 76 -38.67 -5.52 -7.15
N ASP A 77 -39.34 -4.68 -7.93
CA ASP A 77 -39.11 -4.63 -9.37
C ASP A 77 -39.54 -3.26 -9.92
N PHE A 78 -38.67 -2.51 -10.61
CA PHE A 78 -37.19 -2.56 -10.83
C PHE A 78 -36.59 -3.78 -11.53
N GLY A 79 -37.41 -4.60 -12.19
CA GLY A 79 -36.88 -5.88 -12.58
C GLY A 79 -36.73 -6.85 -11.41
N SER A 80 -36.83 -8.13 -11.75
CA SER A 80 -36.73 -9.19 -10.74
C SER A 80 -35.31 -9.46 -10.28
N LYS A 81 -34.31 -8.85 -10.92
CA LYS A 81 -32.91 -9.17 -10.67
C LYS A 81 -32.17 -8.07 -9.93
N SER A 82 -32.82 -7.42 -8.96
CA SER A 82 -32.13 -6.41 -8.17
C SER A 82 -31.32 -7.08 -7.07
N LEU A 83 -30.10 -6.58 -6.85
CA LEU A 83 -29.32 -7.03 -5.70
C LEU A 83 -29.98 -6.62 -4.40
N SER A 84 -30.62 -5.44 -4.41
CA SER A 84 -31.36 -4.95 -3.25
C SER A 84 -32.50 -5.86 -2.86
N LEU A 85 -33.10 -6.53 -3.84
CA LEU A 85 -34.09 -7.56 -3.56
C LEU A 85 -33.49 -8.69 -2.73
N HIS A 86 -32.26 -9.10 -3.05
CA HIS A 86 -31.61 -10.12 -2.26
C HIS A 86 -31.20 -9.61 -0.90
N LEU A 87 -30.95 -8.30 -0.79
CA LEU A 87 -30.69 -7.72 0.52
C LEU A 87 -31.94 -7.74 1.38
N LEU A 88 -33.09 -7.43 0.77
CA LEU A 88 -34.37 -7.57 1.46
C LEU A 88 -34.66 -9.02 1.80
N ASN A 89 -34.22 -9.95 0.95
CA ASN A 89 -34.37 -11.37 1.21
C ASN A 89 -33.55 -11.81 2.43
N GLU A 90 -32.31 -11.33 2.53
CA GLU A 90 -31.49 -11.64 3.70
C GLU A 90 -32.03 -10.99 4.96
N ALA A 91 -32.60 -9.79 4.83
CA ALA A 91 -33.22 -9.10 5.96
C ALA A 91 -34.41 -9.88 6.49
N GLN A 92 -35.31 -10.29 5.59
CA GLN A 92 -36.46 -11.08 6.00
C GLN A 92 -36.04 -12.47 6.46
N ASN A 93 -34.93 -12.99 5.94
CA ASN A 93 -34.36 -14.25 6.40
C ASN A 93 -34.01 -14.18 7.88
N GLU A 94 -33.20 -13.19 8.27
CA GLU A 94 -32.92 -13.10 9.69
C GLU A 94 -34.06 -12.52 10.51
N LEU A 95 -35.06 -11.90 9.90
CA LEU A 95 -36.29 -11.61 10.64
C LEU A 95 -37.01 -12.89 11.01
N GLU A 96 -37.08 -13.84 10.07
CA GLU A 96 -37.62 -15.15 10.37
C GLU A 96 -36.71 -15.95 11.29
N LEU A 97 -35.43 -15.60 11.30
CA LEU A 97 -34.48 -16.19 12.23
C LEU A 97 -34.35 -15.35 13.50
N SER A 98 -35.00 -14.19 13.56
CA SER A 98 -35.18 -13.45 14.79
C SER A 98 -36.35 -13.98 15.61
N GLU A 99 -37.09 -14.93 15.05
CA GLU A 99 -38.31 -15.42 15.69
C GLU A 99 -37.96 -16.27 16.91
N GLY A 100 -38.64 -16.00 18.02
CA GLY A 100 -38.32 -16.59 19.30
C GLY A 100 -37.49 -15.71 20.21
N SER A 101 -36.46 -15.04 19.67
CA SER A 101 -35.60 -14.16 20.46
C SER A 101 -36.18 -12.74 20.42
N ASP A 102 -36.54 -12.22 21.59
CA ASP A 102 -36.99 -10.85 21.72
C ASP A 102 -35.86 -9.83 21.70
N ASP A 103 -34.60 -10.28 21.64
CA ASP A 103 -33.44 -9.40 21.64
C ASP A 103 -33.37 -8.65 20.33
N ASN A 104 -33.84 -7.41 20.32
CA ASN A 104 -33.63 -6.54 19.17
C ASN A 104 -32.16 -6.18 19.04
N GLU A 105 -31.47 -6.02 20.17
CA GLU A 105 -30.16 -5.39 20.21
C GLU A 105 -29.08 -6.25 19.56
N GLY A 106 -29.25 -7.56 19.59
CA GLY A 106 -28.29 -8.44 18.95
C GLY A 106 -28.38 -8.35 17.44
N ILE A 107 -29.52 -8.80 16.91
CA ILE A 107 -29.86 -9.09 15.50
C ILE A 107 -29.10 -8.28 14.48
N LYS A 108 -29.44 -7.00 14.52
CA LYS A 108 -29.07 -5.94 13.58
C LYS A 108 -27.58 -5.78 13.43
N GLU A 109 -26.88 -5.88 14.57
CA GLU A 109 -25.44 -5.83 14.65
C GLU A 109 -24.86 -6.90 13.73
N ARG A 110 -25.24 -8.15 14.04
CA ARG A 110 -24.86 -9.28 13.19
C ARG A 110 -25.33 -9.07 11.78
N THR A 111 -26.58 -8.60 11.65
CA THR A 111 -27.21 -8.46 10.34
C THR A 111 -26.50 -7.39 9.54
N SER A 112 -25.97 -6.38 10.25
CA SER A 112 -25.11 -5.36 9.67
C SER A 112 -24.02 -6.01 8.83
N PHE A 113 -23.20 -6.82 9.49
CA PHE A 113 -22.08 -7.38 8.76
C PHE A 113 -22.53 -8.48 7.81
N ARG A 114 -23.72 -9.06 8.03
CA ARG A 114 -24.31 -9.95 7.04
C ARG A 114 -24.36 -9.27 5.69
N LEU A 115 -25.01 -8.11 5.68
CA LEU A 115 -25.06 -7.29 4.47
C LEU A 115 -23.66 -6.86 4.09
N GLU A 116 -22.82 -6.55 5.08
CA GLU A 116 -21.48 -6.11 4.74
C GLU A 116 -20.67 -7.26 4.18
N ARG A 117 -20.89 -8.47 4.71
CA ARG A 117 -20.23 -9.61 4.08
C ARG A 117 -20.86 -9.87 2.72
N ARG A 118 -22.17 -9.65 2.62
CA ARG A 118 -22.82 -9.68 1.32
C ARG A 118 -22.28 -8.57 0.42
N VAL A 119 -21.96 -7.41 1.01
CA VAL A 119 -21.32 -6.33 0.26
C VAL A 119 -19.93 -6.77 -0.17
N ALA A 120 -19.23 -7.53 0.69
CA ALA A 120 -18.00 -8.18 0.29
C ALA A 120 -18.25 -9.10 -0.88
N ALA A 121 -19.33 -9.89 -0.80
CA ALA A 121 -19.80 -10.71 -1.92
C ALA A 121 -20.08 -9.85 -3.14
N VAL A 122 -20.62 -8.65 -2.92
CA VAL A 122 -20.84 -7.71 -4.01
C VAL A 122 -19.52 -7.33 -4.66
N GLY A 123 -18.52 -6.99 -3.83
CA GLY A 123 -17.17 -6.82 -4.36
C GLY A 123 -16.65 -8.11 -4.94
N ARG A 124 -16.96 -9.22 -4.29
CA ARG A 124 -16.56 -10.52 -4.80
C ARG A 124 -17.45 -10.95 -5.96
N GLN A 125 -18.53 -10.20 -6.22
CA GLN A 125 -19.19 -10.29 -7.53
C GLN A 125 -18.19 -9.99 -8.64
N MET A 126 -17.49 -8.87 -8.55
CA MET A 126 -16.68 -8.43 -9.66
C MET A 126 -15.19 -8.42 -9.34
N GLY A 127 -14.80 -8.84 -8.14
CA GLY A 127 -13.39 -8.88 -7.78
C GLY A 127 -12.58 -9.91 -8.52
N ARG A 128 -13.23 -10.90 -9.12
CA ARG A 128 -12.54 -11.99 -9.79
C ARG A 128 -12.32 -11.59 -11.25
N GLY A 129 -11.06 -11.67 -11.69
CA GLY A 129 -10.69 -11.35 -13.04
C GLY A 129 -9.94 -10.04 -13.21
N ASN A 130 -9.82 -9.25 -12.14
CA ASN A 130 -9.13 -7.97 -12.24
C ASN A 130 -7.63 -8.11 -12.32
N GLY A 131 -7.09 -9.25 -11.87
CA GLY A 131 -5.67 -9.49 -11.95
C GLY A 131 -5.18 -9.51 -13.40
N TYR A 132 -5.98 -10.09 -14.29
CA TYR A 132 -5.71 -10.10 -15.73
C TYR A 132 -5.48 -8.69 -16.26
N LEU A 133 -6.50 -7.85 -16.13
CA LEU A 133 -6.51 -6.46 -16.56
C LEU A 133 -5.33 -5.67 -16.00
N ALA A 134 -5.31 -5.52 -14.67
CA ALA A 134 -4.35 -4.62 -14.04
C ALA A 134 -2.94 -5.15 -14.12
N THR A 135 -2.72 -6.41 -13.72
CA THR A 135 -1.36 -6.91 -13.64
C THR A 135 -0.77 -7.17 -15.01
N ILE A 136 -1.58 -7.60 -15.99
CA ILE A 136 -1.07 -7.74 -17.36
C ILE A 136 -0.73 -6.38 -17.96
N GLY A 137 -1.55 -5.35 -17.66
CA GLY A 137 -1.17 -4.00 -18.06
C GLY A 137 0.10 -3.50 -17.40
N ALA A 138 0.35 -3.97 -16.18
CA ALA A 138 1.59 -3.60 -15.52
C ALA A 138 2.81 -4.28 -16.14
N ILE A 139 2.71 -5.59 -16.41
CA ILE A 139 3.91 -6.37 -16.69
C ILE A 139 4.13 -6.70 -18.15
N SER A 140 3.22 -6.34 -19.03
CA SER A 140 3.42 -6.55 -20.47
C SER A 140 4.70 -5.95 -21.06
N PRO A 141 5.15 -4.71 -20.72
CA PRO A 141 6.47 -4.30 -21.20
C PRO A 141 7.61 -5.09 -20.60
N PHE A 142 7.40 -5.80 -19.50
CA PHE A 142 8.47 -6.63 -18.97
C PHE A 142 8.58 -7.90 -19.77
N VAL A 143 7.43 -8.40 -20.24
CA VAL A 143 7.39 -9.51 -21.18
C VAL A 143 8.08 -9.13 -22.48
N GLY A 144 7.74 -7.93 -22.99
CA GLY A 144 8.40 -7.46 -24.20
C GLY A 144 9.86 -7.14 -23.99
N LEU A 145 10.23 -6.78 -22.76
CA LEU A 145 11.63 -6.63 -22.39
C LEU A 145 12.37 -7.95 -22.51
N PHE A 146 11.77 -9.03 -22.01
CA PHE A 146 12.41 -10.33 -22.14
C PHE A 146 12.50 -10.78 -23.59
N GLY A 147 11.46 -10.52 -24.37
CA GLY A 147 11.52 -10.83 -25.79
C GLY A 147 12.58 -10.02 -26.51
N THR A 148 12.82 -8.80 -26.04
CA THR A 148 13.87 -7.98 -26.61
C THR A 148 15.24 -8.49 -26.18
N VAL A 149 15.36 -9.01 -24.97
CA VAL A 149 16.60 -9.65 -24.52
C VAL A 149 16.90 -10.88 -25.37
N TRP A 150 15.87 -11.68 -25.63
CA TRP A 150 15.94 -12.83 -26.55
C TRP A 150 16.44 -12.42 -27.94
N GLY A 151 15.80 -11.38 -28.50
CA GLY A 151 16.15 -10.96 -29.85
C GLY A 151 17.53 -10.35 -29.95
N ILE A 152 17.93 -9.57 -28.95
CA ILE A 152 19.25 -8.95 -28.99
C ILE A 152 20.35 -9.97 -28.71
N MET A 153 20.07 -11.01 -27.92
CA MET A 153 21.06 -12.07 -27.73
C MET A 153 21.23 -12.89 -29.01
N ASN A 154 20.13 -13.14 -29.73
CA ASN A 154 20.26 -13.79 -31.04
C ASN A 154 20.96 -12.87 -32.05
N SER A 155 20.75 -11.56 -31.93
CA SER A 155 21.46 -10.60 -32.77
C SER A 155 22.95 -10.60 -32.46
N PHE A 156 23.30 -10.83 -31.20
CA PHE A 156 24.72 -10.93 -30.85
C PHE A 156 25.34 -12.23 -31.34
N ILE A 157 24.54 -13.30 -31.39
CA ILE A 157 24.97 -14.51 -32.08
C ILE A 157 25.24 -14.21 -33.56
N GLY A 158 24.37 -13.42 -34.18
CA GLY A 158 24.59 -13.04 -35.57
C GLY A 158 25.79 -12.13 -35.77
N ILE A 159 26.08 -11.27 -34.79
CA ILE A 159 27.30 -10.46 -34.82
C ILE A 159 28.53 -11.34 -34.66
N ALA A 160 28.43 -12.38 -33.82
CA ALA A 160 29.51 -13.35 -33.69
C ALA A 160 29.70 -14.17 -34.96
N GLN A 161 28.65 -14.29 -35.78
CA GLN A 161 28.78 -14.96 -37.07
C GLN A 161 29.58 -14.13 -38.07
N THR A 162 29.43 -12.80 -38.05
CA THR A 162 30.19 -11.92 -38.93
C THR A 162 30.96 -10.94 -38.04
N GLN A 163 32.13 -11.36 -37.59
CA GLN A 163 32.95 -10.54 -36.70
C GLN A 163 33.74 -9.51 -37.50
N THR A 164 34.45 -8.65 -36.76
CA THR A 164 35.30 -7.54 -37.21
C THR A 164 34.52 -6.43 -37.92
N THR A 165 33.20 -6.53 -38.03
CA THR A 165 32.37 -5.50 -38.62
C THR A 165 30.96 -5.69 -38.10
N ASN A 166 30.54 -4.81 -37.19
CA ASN A 166 29.17 -4.86 -36.67
C ASN A 166 28.56 -3.48 -36.93
N LEU A 167 28.08 -3.28 -38.16
CA LEU A 167 27.32 -2.10 -38.52
C LEU A 167 25.91 -2.45 -38.97
N ALA A 168 25.80 -3.25 -40.02
CA ALA A 168 24.49 -3.61 -40.57
C ALA A 168 24.27 -5.11 -40.55
N VAL A 169 25.02 -5.84 -39.72
CA VAL A 169 24.76 -7.27 -39.52
C VAL A 169 23.38 -7.47 -38.89
N VAL A 170 23.07 -6.70 -37.84
CA VAL A 170 21.69 -6.62 -37.39
C VAL A 170 21.28 -5.15 -37.27
N ALA A 171 20.87 -4.58 -38.40
CA ALA A 171 20.14 -3.33 -38.37
C ALA A 171 18.62 -3.53 -38.20
N PRO A 172 17.90 -4.42 -38.99
CA PRO A 172 16.44 -4.48 -38.80
C PRO A 172 16.01 -5.34 -37.62
N GLY A 173 16.74 -6.43 -37.37
CA GLY A 173 16.22 -7.50 -36.53
C GLY A 173 16.09 -7.12 -35.07
N ILE A 174 17.04 -6.32 -34.57
CA ILE A 174 16.94 -5.74 -33.22
C ILE A 174 15.68 -4.89 -33.11
N ALA A 175 15.36 -4.15 -34.17
CA ALA A 175 14.13 -3.37 -34.26
C ALA A 175 12.89 -4.24 -34.15
N GLU A 176 12.96 -5.52 -34.52
CA GLU A 176 11.82 -6.39 -34.29
C GLU A 176 11.70 -6.74 -32.81
N ALA A 177 12.84 -7.00 -32.15
CA ALA A 177 12.82 -7.37 -30.74
C ALA A 177 12.35 -6.23 -29.87
N LEU A 178 12.82 -5.01 -30.18
CA LEU A 178 12.28 -3.79 -29.59
C LEU A 178 10.80 -3.67 -29.87
N LEU A 179 10.37 -4.07 -31.07
CA LEU A 179 8.95 -4.09 -31.42
C LEU A 179 8.18 -5.05 -30.52
N ALA A 180 8.83 -6.12 -30.06
CA ALA A 180 8.25 -6.97 -29.03
C ALA A 180 7.93 -6.19 -27.78
N THR A 181 8.89 -5.36 -27.32
CA THR A 181 8.64 -4.44 -26.22
C THR A 181 7.50 -3.50 -26.56
N ALA A 182 7.43 -3.06 -27.83
CA ALA A 182 6.34 -2.20 -28.28
C ALA A 182 4.98 -2.88 -28.12
N ILE A 183 4.91 -4.19 -28.41
CA ILE A 183 3.64 -4.85 -28.23
C ILE A 183 3.39 -5.09 -26.74
N GLY A 184 4.46 -5.27 -25.96
CA GLY A 184 4.34 -5.13 -24.53
C GLY A 184 3.85 -3.74 -24.15
N LEU A 185 4.42 -2.72 -24.79
CA LEU A 185 3.94 -1.36 -24.65
C LEU A 185 2.50 -1.21 -25.13
N VAL A 186 2.10 -1.95 -26.20
CA VAL A 186 0.73 -1.77 -26.68
C VAL A 186 -0.24 -2.49 -25.77
N ALA A 187 0.26 -3.36 -24.89
CA ALA A 187 -0.57 -3.93 -23.85
C ALA A 187 -0.28 -3.34 -22.48
N ALA A 188 0.36 -2.18 -22.42
CA ALA A 188 0.77 -1.65 -21.12
C ALA A 188 -0.24 -0.65 -20.54
N ILE A 189 -0.55 0.40 -21.30
CA ILE A 189 -1.19 1.60 -20.76
C ILE A 189 -2.62 1.36 -20.28
N PRO A 190 -3.62 1.03 -21.12
CA PRO A 190 -5.00 1.23 -20.68
C PRO A 190 -5.47 0.19 -19.67
N ALA A 191 -4.81 -0.97 -19.62
CA ALA A 191 -5.35 -2.12 -18.92
C ALA A 191 -5.33 -1.92 -17.41
N VAL A 192 -4.19 -1.45 -16.88
CA VAL A 192 -4.12 -0.93 -15.51
C VAL A 192 -5.22 0.10 -15.29
N VAL A 193 -5.32 1.05 -16.22
CA VAL A 193 -6.32 2.11 -16.24
C VAL A 193 -7.71 1.54 -16.11
N ILE A 194 -7.94 0.37 -16.73
CA ILE A 194 -9.24 -0.28 -16.74
C ILE A 194 -9.74 -0.55 -15.33
N TYR A 195 -8.88 -1.14 -14.47
CA TYR A 195 -9.36 -1.38 -13.10
C TYR A 195 -9.41 -0.08 -12.32
N ASN A 196 -8.53 0.86 -12.67
CA ASN A 196 -8.68 2.23 -12.21
C ASN A 196 -10.06 2.75 -12.55
N VAL A 197 -10.45 2.61 -13.83
CA VAL A 197 -11.85 2.80 -14.25
C VAL A 197 -12.76 1.92 -13.40
N PHE A 198 -12.42 0.64 -13.33
CA PHE A 198 -13.24 -0.32 -12.59
C PHE A 198 -12.96 -0.30 -11.11
N ALA A 199 -12.37 0.78 -10.60
CA ALA A 199 -12.56 1.13 -9.22
C ALA A 199 -13.63 2.21 -9.07
N ARG A 200 -13.45 3.33 -9.78
CA ARG A 200 -13.70 4.65 -9.16
C ARG A 200 -15.17 4.88 -8.82
N GLN A 201 -16.04 4.95 -9.84
CA GLN A 201 -17.46 5.11 -9.52
C GLN A 201 -18.04 3.79 -9.05
N ILE A 202 -17.37 2.69 -9.41
CA ILE A 202 -17.65 1.40 -8.79
C ILE A 202 -17.40 1.49 -7.29
N GLY A 203 -16.33 2.18 -6.90
CA GLY A 203 -16.13 2.54 -5.51
C GLY A 203 -17.28 3.35 -4.95
N GLY A 204 -17.81 4.27 -5.76
CA GLY A 204 -19.03 4.96 -5.38
C GLY A 204 -20.20 4.02 -5.27
N PHE A 205 -20.24 3.01 -6.15
CA PHE A 205 -21.17 1.90 -6.00
C PHE A 205 -20.97 1.17 -4.68
N LYS A 206 -19.71 0.98 -4.30
CA LYS A 206 -19.38 0.47 -2.97
C LYS A 206 -19.95 1.36 -1.89
N ALA A 207 -19.95 2.67 -2.15
CA ALA A 207 -20.80 3.57 -1.40
C ALA A 207 -22.27 3.22 -1.61
N MET A 208 -22.74 3.37 -2.87
CA MET A 208 -24.15 3.67 -3.15
C MET A 208 -25.08 2.56 -2.70
N LEU A 209 -24.90 1.37 -3.25
CA LEU A 209 -25.66 0.22 -2.78
C LEU A 209 -25.34 -0.07 -1.32
N GLY A 210 -24.05 0.02 -0.96
CA GLY A 210 -23.63 -0.05 0.42
C GLY A 210 -24.18 1.07 1.28
N ASP A 211 -24.65 2.16 0.67
CA ASP A 211 -25.48 3.10 1.37
C ASP A 211 -26.77 2.44 1.82
N VAL A 212 -27.58 2.04 0.84
CA VAL A 212 -29.02 2.13 1.01
C VAL A 212 -29.54 1.01 1.90
N ALA A 213 -29.01 -0.21 1.71
CA ALA A 213 -29.36 -1.32 2.59
C ALA A 213 -28.91 -1.04 4.02
N ALA A 214 -27.74 -0.40 4.17
CA ALA A 214 -27.33 0.15 5.45
C ALA A 214 -28.39 1.10 5.97
N GLN A 215 -28.82 2.04 5.12
CA GLN A 215 -30.01 2.85 5.34
C GLN A 215 -31.22 2.02 5.71
N VAL A 216 -31.45 0.93 4.97
CA VAL A 216 -32.53 0.02 5.29
C VAL A 216 -32.30 -0.60 6.65
N LEU A 217 -31.04 -0.99 6.94
CA LEU A 217 -30.59 -1.33 8.28
C LEU A 217 -30.99 -0.25 9.26
N LEU A 218 -30.62 1.00 8.95
CA LEU A 218 -31.04 2.16 9.72
C LEU A 218 -32.55 2.23 9.84
N LEU A 219 -33.23 2.05 8.70
CA LEU A 219 -34.68 1.96 8.67
C LEU A 219 -35.15 0.86 9.60
N GLN A 220 -34.55 -0.33 9.44
CA GLN A 220 -34.90 -1.45 10.30
C GLN A 220 -34.49 -1.17 11.73
N SER A 221 -33.38 -0.46 11.92
CA SER A 221 -32.98 -0.03 13.26
C SER A 221 -34.05 0.87 13.85
N ARG A 222 -34.51 1.84 13.05
CA ARG A 222 -35.61 2.68 13.50
C ARG A 222 -36.91 1.90 13.56
N ASP A 223 -37.05 0.88 12.71
CA ASP A 223 -38.20 0.00 12.83
C ASP A 223 -38.11 -0.82 14.11
N LEU A 224 -36.89 -1.20 14.52
CA LEU A 224 -36.75 -1.83 15.83
C LEU A 224 -36.99 -0.83 16.94
N ASP A 225 -36.72 0.46 16.69
CA ASP A 225 -37.17 1.48 17.62
C ASP A 225 -38.69 1.53 17.66
N LEU A 226 -39.33 1.31 16.51
CA LEU A 226 -40.77 1.13 16.45
C LEU A 226 -41.24 -0.11 17.20
N GLU A 227 -40.34 -1.01 17.54
CA GLU A 227 -40.55 -1.89 18.67
C GLU A 227 -40.00 -1.28 19.95
N ALA A 228 -38.70 -1.01 20.00
CA ALA A 228 -38.01 -0.86 21.29
C ALA A 228 -38.34 0.45 21.97
N SER A 229 -38.90 1.41 21.24
CA SER A 229 -39.40 2.63 21.84
C SER A 229 -40.91 2.73 21.77
N ALA A 230 -41.57 1.89 20.96
CA ALA A 230 -43.00 2.02 20.76
C ALA A 230 -43.78 0.78 21.19
N ALA A 231 -43.36 -0.39 20.74
CA ALA A 231 -43.97 -1.64 21.18
C ALA A 231 -43.29 -2.22 22.42
N ALA A 232 -42.52 -1.41 23.14
CA ALA A 232 -41.83 -1.88 24.34
C ALA A 232 -42.79 -2.12 25.50
N HIS A 233 -43.65 -1.14 25.78
CA HIS A 233 -44.66 -1.26 26.85
C HIS A 233 -46.00 -1.55 26.19
N PRO A 234 -46.60 -2.72 26.46
CA PRO A 234 -47.87 -3.11 25.86
C PRO A 234 -49.05 -2.31 26.42
N LEU B 10 28.12 -19.85 -32.08
CA LEU B 10 28.69 -21.02 -31.42
C LEU B 10 27.59 -21.73 -30.64
N SER B 11 27.82 -23.00 -30.33
CA SER B 11 26.86 -23.84 -29.62
C SER B 11 26.59 -23.30 -28.22
N VAL B 12 25.48 -23.76 -27.65
CA VAL B 12 25.00 -23.23 -26.37
C VAL B 12 25.90 -23.67 -25.23
N TRP B 13 26.45 -24.89 -25.29
CA TRP B 13 27.47 -25.26 -24.32
C TRP B 13 28.77 -24.53 -24.58
N GLY B 14 29.10 -24.32 -25.86
CA GLY B 14 30.25 -23.51 -26.22
C GLY B 14 30.08 -22.03 -25.91
N MET B 15 28.83 -21.59 -25.69
CA MET B 15 28.56 -20.24 -25.21
C MET B 15 28.44 -20.22 -23.69
N TYR B 16 28.16 -21.38 -23.07
CA TYR B 16 27.72 -21.43 -21.69
C TYR B 16 28.86 -21.77 -20.73
N GLN B 17 29.59 -22.85 -21.01
CA GLN B 17 30.77 -23.16 -20.20
C GLN B 17 31.86 -22.12 -20.43
N HIS B 18 31.90 -21.50 -21.62
CA HIS B 18 32.73 -20.33 -21.88
C HIS B 18 32.36 -19.15 -20.99
N ALA B 19 31.09 -19.03 -20.62
CA ALA B 19 30.64 -17.89 -19.84
C ALA B 19 31.15 -17.98 -18.39
N ASP B 20 30.97 -16.87 -17.67
CA ASP B 20 31.48 -16.76 -16.32
C ASP B 20 30.68 -17.67 -15.38
N ILE B 21 31.42 -18.37 -14.51
CA ILE B 21 30.81 -19.33 -13.61
C ILE B 21 29.96 -18.66 -12.54
N VAL B 22 30.20 -17.37 -12.26
CA VAL B 22 29.35 -16.62 -11.34
C VAL B 22 27.97 -16.41 -11.94
N VAL B 23 27.93 -16.01 -13.21
CA VAL B 23 26.67 -15.84 -13.93
C VAL B 23 25.96 -17.19 -14.09
N LYS B 24 26.74 -18.26 -14.28
CA LYS B 24 26.18 -19.61 -14.38
C LYS B 24 25.51 -20.02 -13.08
N CYS B 25 26.19 -19.78 -11.94
CA CYS B 25 25.61 -20.08 -10.64
C CYS B 25 24.37 -19.24 -10.36
N VAL B 26 24.36 -17.98 -10.81
CA VAL B 26 23.19 -17.12 -10.66
C VAL B 26 21.99 -17.70 -11.43
N MET B 27 22.21 -18.08 -12.70
CA MET B 27 21.12 -18.57 -13.53
C MET B 27 20.59 -19.91 -13.04
N ILE B 28 21.48 -20.78 -12.55
CA ILE B 28 21.03 -22.05 -12.01
C ILE B 28 20.31 -21.85 -10.68
N GLY B 29 20.71 -20.84 -9.91
CA GLY B 29 19.94 -20.49 -8.73
C GLY B 29 18.55 -19.97 -9.06
N LEU B 30 18.45 -19.23 -10.18
CA LEU B 30 17.15 -18.78 -10.68
C LEU B 30 16.27 -19.96 -11.06
N ILE B 31 16.84 -20.95 -11.76
CA ILE B 31 16.06 -22.10 -12.18
C ILE B 31 15.68 -23.00 -11.00
N LEU B 32 16.56 -23.11 -9.99
CA LEU B 32 16.21 -23.93 -8.82
C LEU B 32 15.16 -23.27 -7.95
N ALA B 33 15.22 -21.93 -7.80
CA ALA B 33 14.15 -21.22 -7.12
C ALA B 33 12.85 -21.31 -7.90
N SER B 34 12.94 -21.39 -9.24
CA SER B 34 11.77 -21.65 -10.06
C SER B 34 11.18 -23.04 -9.77
N VAL B 35 12.03 -24.04 -9.56
CA VAL B 35 11.56 -25.39 -9.24
C VAL B 35 10.86 -25.41 -7.89
N VAL B 36 11.42 -24.71 -6.90
CA VAL B 36 10.77 -24.53 -5.60
C VAL B 36 9.42 -23.84 -5.77
N THR B 37 9.37 -22.84 -6.65
CA THR B 37 8.12 -22.11 -6.89
C THR B 37 7.08 -22.98 -7.57
N TRP B 38 7.50 -23.81 -8.53
CA TRP B 38 6.57 -24.73 -9.19
C TRP B 38 6.02 -25.76 -8.22
N ALA B 39 6.88 -26.28 -7.35
CA ALA B 39 6.43 -27.25 -6.34
C ALA B 39 5.43 -26.62 -5.39
N ILE B 40 5.71 -25.41 -4.92
CA ILE B 40 4.81 -24.72 -4.01
C ILE B 40 3.51 -24.36 -4.72
N PHE B 41 3.58 -23.98 -5.99
CA PHE B 41 2.39 -23.64 -6.75
C PHE B 41 1.49 -24.85 -6.96
N PHE B 42 2.08 -25.98 -7.34
CA PHE B 42 1.32 -27.19 -7.57
C PHE B 42 0.65 -27.66 -6.27
N SER B 43 1.39 -27.55 -5.15
CA SER B 43 0.86 -27.95 -3.86
C SER B 43 -0.33 -27.08 -3.45
N LYS B 44 -0.17 -25.75 -3.52
CA LYS B 44 -1.25 -24.86 -3.14
C LYS B 44 -2.45 -25.00 -4.09
N SER B 45 -2.19 -25.25 -5.37
CA SER B 45 -3.27 -25.38 -6.34
C SER B 45 -4.12 -26.62 -6.06
N VAL B 46 -3.45 -27.78 -5.92
CA VAL B 46 -4.15 -29.04 -5.69
C VAL B 46 -4.87 -29.00 -4.34
N GLU B 47 -4.18 -28.53 -3.30
CA GLU B 47 -4.79 -28.47 -1.97
C GLU B 47 -5.94 -27.48 -1.91
N PHE B 48 -5.79 -26.34 -2.59
CA PHE B 48 -6.84 -25.33 -2.56
C PHE B 48 -8.07 -25.78 -3.31
N PHE B 49 -7.91 -26.54 -4.40
CA PHE B 49 -9.15 -26.98 -5.06
C PHE B 49 -9.76 -28.17 -4.34
N ASN B 50 -8.94 -28.97 -3.64
CA ASN B 50 -9.50 -29.95 -2.71
C ASN B 50 -10.39 -29.26 -1.70
N GLN B 51 -9.87 -28.16 -1.14
CA GLN B 51 -10.66 -27.30 -0.25
C GLN B 51 -11.87 -26.74 -0.95
N LYS B 52 -11.71 -26.26 -2.20
CA LYS B 52 -12.78 -25.55 -2.87
C LYS B 52 -13.94 -26.46 -3.22
N ARG B 53 -13.67 -27.55 -3.93
CA ARG B 53 -14.71 -28.51 -4.28
C ARG B 53 -15.31 -29.15 -3.03
N ARG B 54 -14.45 -29.72 -2.17
CA ARG B 54 -14.89 -30.41 -0.96
C ARG B 54 -15.71 -29.50 -0.06
N LEU B 55 -15.09 -28.46 0.47
CA LEU B 55 -15.77 -27.55 1.37
C LEU B 55 -16.79 -26.66 0.65
N LYS B 56 -16.84 -26.66 -0.68
CA LYS B 56 -17.95 -26.00 -1.35
C LYS B 56 -19.22 -26.82 -1.23
N ARG B 57 -19.12 -28.13 -1.52
CA ARG B 57 -20.27 -29.00 -1.28
C ARG B 57 -20.61 -29.07 0.21
N GLU B 58 -19.59 -29.10 1.04
CA GLU B 58 -19.78 -29.07 2.49
C GLU B 58 -20.33 -27.73 2.98
N GLN B 59 -20.08 -26.66 2.24
CA GLN B 59 -20.65 -25.35 2.54
C GLN B 59 -22.11 -25.31 2.19
N GLN B 60 -22.46 -25.92 1.05
CA GLN B 60 -23.86 -26.15 0.70
C GLN B 60 -24.57 -26.97 1.77
N LEU B 61 -23.85 -27.92 2.37
CA LEU B 61 -24.40 -28.67 3.49
C LEU B 61 -24.60 -27.79 4.73
N LEU B 62 -23.56 -27.07 5.14
CA LEU B 62 -23.52 -26.42 6.45
C LEU B 62 -24.19 -25.06 6.48
N ALA B 63 -24.45 -24.43 5.34
CA ALA B 63 -25.13 -23.13 5.35
C ALA B 63 -26.57 -23.25 5.78
N GLU B 64 -27.15 -24.43 5.67
CA GLU B 64 -28.49 -24.73 6.16
C GLU B 64 -28.44 -25.94 7.09
N ALA B 65 -27.35 -26.05 7.85
CA ALA B 65 -27.28 -27.04 8.92
C ALA B 65 -28.27 -26.70 10.03
N ARG B 66 -28.47 -25.41 10.27
CA ARG B 66 -29.62 -24.82 10.95
C ARG B 66 -29.76 -25.21 12.42
N SER B 67 -28.78 -25.86 13.00
CA SER B 67 -28.96 -26.28 14.39
C SER B 67 -27.75 -25.99 15.26
N LEU B 68 -26.55 -25.91 14.66
CA LEU B 68 -25.21 -25.73 15.24
C LEU B 68 -24.73 -26.99 15.95
N ASN B 69 -25.65 -27.95 16.15
CA ASN B 69 -25.28 -29.33 16.47
C ASN B 69 -25.43 -30.21 15.25
N GLN B 70 -26.36 -29.88 14.35
CA GLN B 70 -26.32 -30.47 13.02
C GLN B 70 -25.17 -29.90 12.20
N ALA B 71 -24.69 -28.70 12.52
CA ALA B 71 -23.43 -28.25 11.96
C ALA B 71 -22.28 -29.13 12.41
N ASN B 72 -22.33 -29.57 13.68
CA ASN B 72 -21.35 -30.53 14.18
C ASN B 72 -21.51 -31.89 13.50
N ASP B 73 -22.76 -32.32 13.33
CA ASP B 73 -23.04 -33.66 12.80
C ASP B 73 -22.68 -33.76 11.32
N ILE B 74 -22.95 -32.71 10.56
CA ILE B 74 -22.57 -32.71 9.15
C ILE B 74 -21.06 -32.62 9.03
N ALA B 75 -20.43 -31.72 9.78
CA ALA B 75 -18.96 -31.61 9.75
C ALA B 75 -18.26 -32.77 10.42
N ALA B 76 -18.99 -33.64 11.11
CA ALA B 76 -18.39 -34.86 11.65
C ALA B 76 -17.90 -35.77 10.54
N ASP B 77 -18.74 -36.04 9.54
CA ASP B 77 -18.30 -36.81 8.38
C ASP B 77 -18.01 -35.83 7.24
N PHE B 78 -16.86 -35.17 7.36
CA PHE B 78 -16.22 -34.51 6.24
C PHE B 78 -14.94 -35.23 5.86
N GLY B 79 -14.53 -36.20 6.64
CA GLY B 79 -13.14 -36.60 6.69
C GLY B 79 -12.38 -35.85 7.76
N SER B 80 -11.12 -36.22 7.93
CA SER B 80 -10.30 -35.64 8.99
C SER B 80 -9.89 -34.21 8.70
N LYS B 81 -9.90 -33.80 7.43
CA LYS B 81 -9.36 -32.50 7.05
C LYS B 81 -10.38 -31.37 7.14
N SER B 82 -11.46 -31.55 7.89
CA SER B 82 -12.41 -30.47 8.10
C SER B 82 -11.81 -29.42 9.04
N LEU B 83 -11.38 -28.29 8.47
CA LEU B 83 -11.01 -27.14 9.27
C LEU B 83 -12.21 -26.62 10.05
N SER B 84 -13.39 -26.68 9.42
CA SER B 84 -14.62 -26.16 10.01
C SER B 84 -15.03 -26.93 11.24
N LEU B 85 -14.81 -28.25 11.25
CA LEU B 85 -15.12 -29.03 12.44
C LEU B 85 -14.14 -28.70 13.57
N HIS B 86 -12.91 -28.30 13.24
CA HIS B 86 -11.99 -27.87 14.28
C HIS B 86 -12.39 -26.51 14.82
N LEU B 87 -13.00 -25.67 13.98
CA LEU B 87 -13.57 -24.44 14.49
C LEU B 87 -14.81 -24.71 15.33
N LEU B 88 -15.55 -25.76 14.99
CA LEU B 88 -16.64 -26.20 15.86
C LEU B 88 -16.11 -26.75 17.17
N ASN B 89 -14.92 -27.36 17.14
CA ASN B 89 -14.26 -27.78 18.36
C ASN B 89 -13.85 -26.58 19.19
N GLU B 90 -13.43 -25.50 18.53
CA GLU B 90 -13.15 -24.24 19.21
C GLU B 90 -14.41 -23.66 19.85
N ALA B 91 -15.56 -23.81 19.17
CA ALA B 91 -16.83 -23.34 19.70
C ALA B 91 -17.24 -24.14 20.92
N GLN B 92 -17.11 -25.47 20.86
CA GLN B 92 -17.40 -26.30 22.01
C GLN B 92 -16.40 -26.06 23.14
N ASN B 93 -15.15 -25.70 22.79
CA ASN B 93 -14.18 -25.27 23.78
C ASN B 93 -14.66 -24.04 24.51
N GLU B 94 -15.18 -23.05 23.79
CA GLU B 94 -15.75 -21.88 24.45
C GLU B 94 -17.00 -22.21 25.25
N LEU B 95 -17.76 -23.21 24.82
CA LEU B 95 -18.88 -23.68 25.63
C LEU B 95 -18.39 -24.29 26.94
N GLU B 96 -17.27 -24.98 26.89
CA GLU B 96 -16.60 -25.46 28.10
C GLU B 96 -15.98 -24.32 28.88
N LEU B 97 -15.71 -23.20 28.22
CA LEU B 97 -15.29 -21.98 28.89
C LEU B 97 -16.49 -21.14 29.27
N SER B 98 -17.67 -21.45 28.72
CA SER B 98 -18.92 -20.83 29.10
C SER B 98 -19.53 -21.47 30.34
N GLU B 99 -18.83 -22.40 30.96
CA GLU B 99 -19.37 -23.09 32.13
C GLU B 99 -19.26 -22.18 33.34
N GLY B 100 -20.40 -21.83 33.92
CA GLY B 100 -20.48 -20.81 34.92
C GLY B 100 -20.75 -19.42 34.39
N SER B 101 -20.44 -19.16 33.12
CA SER B 101 -20.66 -17.85 32.52
C SER B 101 -22.16 -17.67 32.29
N ASP B 102 -22.82 -17.03 33.25
CA ASP B 102 -24.24 -16.73 33.10
C ASP B 102 -24.48 -15.67 32.05
N ASP B 103 -23.52 -14.76 31.86
CA ASP B 103 -23.59 -13.75 30.81
C ASP B 103 -23.40 -14.44 29.46
N ASN B 104 -24.50 -14.59 28.71
CA ASN B 104 -24.38 -15.02 27.33
C ASN B 104 -23.66 -13.98 26.49
N GLU B 105 -23.87 -12.71 26.79
CA GLU B 105 -23.44 -11.62 25.92
C GLU B 105 -21.93 -11.43 25.93
N GLY B 106 -21.28 -11.72 27.06
CA GLY B 106 -19.83 -11.60 27.11
C GLY B 106 -19.13 -12.65 26.27
N ILE B 107 -19.56 -13.90 26.41
CA ILE B 107 -19.08 -15.11 25.70
C ILE B 107 -18.78 -14.91 24.23
N LYS B 108 -19.79 -14.33 23.57
CA LYS B 108 -19.84 -14.00 22.13
C LYS B 108 -18.67 -13.15 21.67
N GLU B 109 -18.36 -12.14 22.47
CA GLU B 109 -17.21 -11.29 22.22
C GLU B 109 -15.95 -12.12 22.36
N ARG B 110 -15.88 -12.88 23.48
CA ARG B 110 -14.82 -13.86 23.65
C ARG B 110 -14.82 -14.91 22.56
N THR B 111 -15.99 -15.20 22.00
CA THR B 111 -16.03 -16.14 20.89
C THR B 111 -15.40 -15.53 19.65
N SER B 112 -15.74 -14.25 19.39
CA SER B 112 -15.74 -13.69 18.05
C SER B 112 -14.37 -13.75 17.41
N PHE B 113 -13.41 -13.03 18.02
CA PHE B 113 -12.08 -12.96 17.48
C PHE B 113 -11.36 -14.31 17.47
N ARG B 114 -11.77 -15.22 18.37
CA ARG B 114 -11.17 -16.56 18.39
C ARG B 114 -11.27 -17.25 17.05
N LEU B 115 -12.40 -17.07 16.38
CA LEU B 115 -12.53 -17.60 15.02
C LEU B 115 -11.52 -16.92 14.11
N GLU B 116 -11.54 -15.61 14.08
CA GLU B 116 -10.51 -14.91 13.34
C GLU B 116 -9.24 -14.72 14.16
N ARG B 117 -9.02 -15.54 15.18
CA ARG B 117 -7.67 -15.79 15.62
C ARG B 117 -7.10 -16.99 14.86
N ARG B 118 -7.92 -18.03 14.68
CA ARG B 118 -7.41 -19.22 14.02
C ARG B 118 -7.45 -19.09 12.50
N VAL B 119 -8.49 -18.46 11.96
CA VAL B 119 -8.85 -18.62 10.54
C VAL B 119 -7.80 -17.99 9.63
N ALA B 120 -7.42 -16.75 9.91
CA ALA B 120 -6.31 -16.16 9.18
C ALA B 120 -5.01 -16.89 9.48
N ALA B 121 -4.88 -17.43 10.70
CA ALA B 121 -3.83 -18.38 10.98
C ALA B 121 -3.96 -19.61 10.09
N VAL B 122 -5.20 -20.07 9.90
CA VAL B 122 -5.51 -21.03 8.84
C VAL B 122 -5.07 -20.48 7.49
N GLY B 123 -5.35 -19.19 7.26
CA GLY B 123 -4.75 -18.51 6.12
C GLY B 123 -3.24 -18.53 6.18
N ARG B 124 -2.68 -18.26 7.37
CA ARG B 124 -1.25 -18.39 7.53
C ARG B 124 -0.83 -19.83 7.76
N GLN B 125 -1.77 -20.78 7.74
CA GLN B 125 -1.44 -22.15 7.44
C GLN B 125 -0.72 -22.24 6.11
N MET B 126 -1.26 -21.56 5.10
CA MET B 126 -0.62 -21.49 3.80
C MET B 126 0.04 -20.15 3.56
N GLY B 127 0.18 -19.33 4.61
CA GLY B 127 0.85 -18.05 4.49
C GLY B 127 2.33 -18.15 4.21
N ARG B 128 2.94 -19.28 4.51
CA ARG B 128 4.37 -19.48 4.29
C ARG B 128 4.67 -19.61 2.80
N GLY B 129 5.93 -19.33 2.44
CA GLY B 129 6.41 -19.46 1.09
C GLY B 129 5.99 -18.38 0.12
N ASN B 130 5.04 -17.52 0.51
CA ASN B 130 4.42 -16.59 -0.42
C ASN B 130 5.31 -15.40 -0.73
N GLY B 131 5.75 -14.70 0.32
CA GLY B 131 6.63 -13.56 0.15
C GLY B 131 7.93 -13.92 -0.52
N TYR B 132 8.44 -15.12 -0.21
CA TYR B 132 9.57 -15.76 -0.89
C TYR B 132 9.47 -15.67 -2.40
N LEU B 133 8.47 -16.33 -2.95
CA LEU B 133 8.43 -16.52 -4.39
C LEU B 133 7.91 -15.28 -5.08
N ALA B 134 7.06 -14.50 -4.41
CA ALA B 134 6.58 -13.24 -4.98
C ALA B 134 7.72 -12.24 -5.13
N THR B 135 8.53 -12.08 -4.08
CA THR B 135 9.64 -11.16 -4.17
C THR B 135 10.75 -11.71 -5.07
N ILE B 136 10.85 -13.04 -5.18
CA ILE B 136 11.69 -13.64 -6.21
C ILE B 136 11.26 -13.19 -7.59
N GLY B 137 9.96 -13.30 -7.87
CA GLY B 137 9.42 -12.84 -9.15
C GLY B 137 9.54 -11.35 -9.37
N ALA B 138 9.66 -10.58 -8.31
CA ALA B 138 9.88 -9.15 -8.48
C ALA B 138 11.34 -8.83 -8.81
N ILE B 139 12.28 -9.41 -8.06
CA ILE B 139 13.64 -8.87 -8.02
C ILE B 139 14.64 -9.73 -8.82
N SER B 140 14.23 -10.93 -9.25
CA SER B 140 15.04 -11.75 -10.17
C SER B 140 15.57 -11.07 -11.43
N PRO B 141 14.85 -10.18 -12.14
CA PRO B 141 15.52 -9.51 -13.27
C PRO B 141 16.57 -8.53 -12.83
N PHE B 142 16.51 -8.05 -11.59
CA PHE B 142 17.55 -7.18 -11.09
C PHE B 142 18.79 -8.00 -10.76
N VAL B 143 18.57 -9.23 -10.32
CA VAL B 143 19.66 -10.19 -10.15
C VAL B 143 20.31 -10.50 -11.50
N GLY B 144 19.48 -10.74 -12.52
CA GLY B 144 20.01 -10.91 -13.86
C GLY B 144 20.66 -9.65 -14.39
N LEU B 145 20.22 -8.49 -13.93
CA LEU B 145 20.85 -7.24 -14.32
C LEU B 145 22.24 -7.13 -13.72
N PHE B 146 22.41 -7.57 -12.48
CA PHE B 146 23.76 -7.66 -11.96
C PHE B 146 24.58 -8.69 -12.70
N GLY B 147 23.95 -9.77 -13.17
CA GLY B 147 24.66 -10.72 -14.02
C GLY B 147 25.15 -10.10 -15.31
N THR B 148 24.32 -9.24 -15.92
CA THR B 148 24.75 -8.49 -17.10
C THR B 148 25.90 -7.55 -16.78
N VAL B 149 25.80 -6.83 -15.66
CA VAL B 149 26.84 -5.87 -15.31
C VAL B 149 28.15 -6.59 -15.00
N TRP B 150 28.06 -7.75 -14.35
CA TRP B 150 29.22 -8.61 -14.09
C TRP B 150 29.88 -9.07 -15.38
N GLY B 151 29.09 -9.61 -16.31
CA GLY B 151 29.66 -10.15 -17.54
C GLY B 151 30.20 -9.10 -18.47
N ILE B 152 29.44 -8.02 -18.68
CA ILE B 152 29.86 -6.92 -19.53
C ILE B 152 31.04 -6.18 -18.91
N MET B 153 31.10 -6.12 -17.57
CA MET B 153 32.23 -5.53 -16.88
C MET B 153 33.49 -6.35 -17.10
N ASN B 154 33.38 -7.68 -17.00
CA ASN B 154 34.55 -8.53 -17.25
C ASN B 154 35.02 -8.44 -18.70
N SER B 155 34.07 -8.39 -19.65
CA SER B 155 34.43 -8.28 -21.06
C SER B 155 35.09 -6.94 -21.37
N PHE B 156 34.59 -5.85 -20.79
CA PHE B 156 35.12 -4.54 -21.08
C PHE B 156 36.25 -4.13 -20.16
N ILE B 157 36.62 -5.00 -19.22
CA ILE B 157 37.98 -4.97 -18.68
C ILE B 157 38.91 -5.74 -19.61
N GLY B 158 38.42 -6.85 -20.18
CA GLY B 158 39.24 -7.66 -21.07
C GLY B 158 39.63 -6.98 -22.37
N ILE B 159 38.82 -6.04 -22.85
CA ILE B 159 39.19 -5.27 -24.04
C ILE B 159 39.73 -3.88 -23.67
N ALA B 160 40.14 -3.67 -22.42
CA ALA B 160 40.62 -2.36 -21.99
C ALA B 160 42.00 -2.42 -21.34
N GLN B 161 42.56 -3.62 -21.21
CA GLN B 161 43.85 -3.78 -20.55
C GLN B 161 45.03 -3.52 -21.49
N THR B 162 44.87 -3.81 -22.78
CA THR B 162 46.00 -3.70 -23.69
C THR B 162 46.20 -2.31 -24.34
N GLN B 163 45.19 -1.68 -25.00
CA GLN B 163 43.74 -1.90 -25.06
C GLN B 163 43.21 -2.02 -26.50
N THR B 164 42.28 -2.95 -26.70
CA THR B 164 41.81 -3.30 -28.03
C THR B 164 40.55 -2.52 -28.39
N THR B 165 39.86 -2.99 -29.43
CA THR B 165 38.67 -2.42 -30.05
C THR B 165 37.82 -3.62 -30.44
N ASN B 166 36.96 -3.46 -31.45
CA ASN B 166 36.20 -4.56 -32.07
C ASN B 166 35.26 -5.23 -31.09
N LEU B 167 34.14 -4.55 -30.79
CA LEU B 167 33.04 -5.15 -30.03
C LEU B 167 32.55 -6.47 -30.62
N ALA B 168 32.62 -6.62 -31.96
CA ALA B 168 32.07 -7.79 -32.63
C ALA B 168 32.79 -9.08 -32.26
N VAL B 169 34.04 -9.00 -31.82
CA VAL B 169 34.73 -10.20 -31.36
C VAL B 169 34.66 -10.38 -29.85
N VAL B 170 34.02 -9.44 -29.13
CA VAL B 170 33.84 -9.60 -27.69
C VAL B 170 32.36 -9.65 -27.32
N ALA B 171 31.46 -9.34 -28.26
CA ALA B 171 29.99 -9.43 -28.13
C ALA B 171 29.38 -10.73 -27.58
N PRO B 172 29.93 -11.95 -27.81
CA PRO B 172 29.34 -13.12 -27.15
C PRO B 172 29.44 -13.11 -25.63
N GLY B 173 30.43 -12.44 -25.05
CA GLY B 173 30.46 -12.25 -23.61
C GLY B 173 29.31 -11.40 -23.12
N ILE B 174 28.95 -10.36 -23.90
CA ILE B 174 27.80 -9.53 -23.56
C ILE B 174 26.51 -10.30 -23.73
N ALA B 175 26.43 -11.19 -24.73
CA ALA B 175 25.23 -12.04 -24.89
C ALA B 175 25.09 -13.04 -23.74
N GLU B 176 26.20 -13.64 -23.32
CA GLU B 176 26.17 -14.54 -22.17
C GLU B 176 25.87 -13.78 -20.88
N ALA B 177 26.21 -12.50 -20.83
CA ALA B 177 25.79 -11.66 -19.71
C ALA B 177 24.28 -11.43 -19.74
N LEU B 178 23.73 -11.15 -20.93
CA LEU B 178 22.30 -10.88 -21.06
C LEU B 178 21.45 -12.12 -20.84
N LEU B 179 22.05 -13.30 -20.97
CA LEU B 179 21.38 -14.54 -20.63
C LEU B 179 20.93 -14.58 -19.17
N ALA B 180 21.65 -13.89 -18.29
CA ALA B 180 21.27 -13.80 -16.88
C ALA B 180 19.97 -13.02 -16.70
N THR B 181 19.86 -11.86 -17.36
CA THR B 181 18.60 -11.10 -17.37
C THR B 181 17.47 -11.90 -18.01
N ALA B 182 17.81 -12.67 -19.04
CA ALA B 182 16.82 -13.54 -19.68
C ALA B 182 16.23 -14.56 -18.71
N ILE B 183 17.09 -15.30 -18.00
CA ILE B 183 16.58 -16.30 -17.06
C ILE B 183 15.96 -15.63 -15.82
N GLY B 184 16.43 -14.43 -15.47
CA GLY B 184 15.78 -13.67 -14.40
C GLY B 184 14.36 -13.28 -14.75
N LEU B 185 14.12 -12.91 -16.01
CA LEU B 185 12.76 -12.60 -16.46
C LEU B 185 11.91 -13.86 -16.57
N VAL B 186 12.52 -14.96 -17.02
CA VAL B 186 11.87 -16.27 -17.10
C VAL B 186 11.34 -16.70 -15.74
N ALA B 187 12.16 -16.50 -14.71
CA ALA B 187 11.69 -16.80 -13.35
C ALA B 187 10.77 -15.69 -12.82
N ALA B 188 10.91 -14.46 -13.33
CA ALA B 188 10.26 -13.31 -12.74
C ALA B 188 8.77 -13.24 -13.01
N ILE B 189 8.37 -13.49 -14.25
CA ILE B 189 6.96 -13.35 -14.64
C ILE B 189 6.04 -14.33 -13.89
N PRO B 190 6.18 -15.66 -13.99
CA PRO B 190 5.13 -16.52 -13.43
C PRO B 190 5.13 -16.57 -11.92
N ALA B 191 6.18 -16.12 -11.24
CA ALA B 191 6.14 -16.11 -9.78
C ALA B 191 5.24 -14.99 -9.26
N VAL B 192 5.34 -13.82 -9.88
CA VAL B 192 4.39 -12.75 -9.60
C VAL B 192 2.98 -13.17 -10.01
N VAL B 193 2.87 -13.88 -11.14
CA VAL B 193 1.58 -14.40 -11.60
C VAL B 193 0.99 -15.36 -10.57
N ILE B 194 1.83 -16.24 -10.03
CA ILE B 194 1.39 -17.24 -9.09
C ILE B 194 1.02 -16.63 -7.75
N TYR B 195 1.71 -15.56 -7.32
CA TYR B 195 1.24 -14.93 -6.09
C TYR B 195 -0.04 -14.12 -6.33
N ASN B 196 -0.24 -13.62 -7.55
CA ASN B 196 -1.52 -12.94 -7.82
C ASN B 196 -2.68 -13.92 -7.83
N VAL B 197 -2.47 -15.10 -8.40
CA VAL B 197 -3.55 -16.09 -8.33
C VAL B 197 -3.65 -16.68 -6.93
N PHE B 198 -2.56 -16.63 -6.14
CA PHE B 198 -2.67 -17.04 -4.76
C PHE B 198 -3.37 -15.98 -3.92
N ALA B 199 -3.31 -14.72 -4.34
CA ALA B 199 -4.10 -13.70 -3.69
C ALA B 199 -5.57 -13.85 -4.07
N ARG B 200 -5.84 -14.35 -5.27
CA ARG B 200 -7.22 -14.73 -5.59
C ARG B 200 -7.66 -15.93 -4.74
N GLN B 201 -6.72 -16.84 -4.45
CA GLN B 201 -7.00 -17.91 -3.50
C GLN B 201 -7.24 -17.37 -2.11
N ILE B 202 -6.46 -16.35 -1.71
CA ILE B 202 -6.66 -15.65 -0.44
C ILE B 202 -8.07 -15.10 -0.38
N GLY B 203 -8.50 -14.41 -1.44
CA GLY B 203 -9.84 -13.87 -1.51
C GLY B 203 -10.90 -14.94 -1.40
N GLY B 204 -10.82 -15.97 -2.26
CA GLY B 204 -11.82 -17.02 -2.28
C GLY B 204 -11.89 -17.81 -0.99
N PHE B 205 -10.75 -18.29 -0.51
CA PHE B 205 -10.71 -19.12 0.69
C PHE B 205 -11.06 -18.32 1.94
N LYS B 206 -10.41 -17.17 2.15
CA LYS B 206 -10.64 -16.43 3.38
C LYS B 206 -12.03 -15.82 3.41
N ALA B 207 -12.53 -15.35 2.27
CA ALA B 207 -13.89 -14.85 2.23
C ALA B 207 -14.90 -15.95 2.47
N MET B 208 -14.76 -17.08 1.75
CA MET B 208 -15.71 -18.18 1.87
C MET B 208 -15.68 -18.79 3.26
N LEU B 209 -14.50 -18.96 3.83
CA LEU B 209 -14.46 -19.54 5.15
C LEU B 209 -14.82 -18.51 6.20
N GLY B 210 -14.71 -17.22 5.87
CA GLY B 210 -15.29 -16.22 6.75
C GLY B 210 -16.79 -16.23 6.69
N ASP B 211 -17.35 -16.60 5.53
CA ASP B 211 -18.80 -16.81 5.44
C ASP B 211 -19.20 -17.97 6.32
N VAL B 212 -18.40 -19.03 6.30
CA VAL B 212 -18.62 -20.17 7.17
C VAL B 212 -18.48 -19.77 8.63
N ALA B 213 -17.52 -18.90 8.92
CA ALA B 213 -17.29 -18.43 10.28
C ALA B 213 -18.47 -17.60 10.78
N ALA B 214 -18.95 -16.69 9.95
CA ALA B 214 -20.13 -15.90 10.29
C ALA B 214 -21.38 -16.76 10.34
N GLN B 215 -21.42 -17.83 9.55
CA GLN B 215 -22.51 -18.80 9.63
C GLN B 215 -22.56 -19.44 11.00
N VAL B 216 -21.40 -19.91 11.49
CA VAL B 216 -21.33 -20.53 12.81
C VAL B 216 -21.59 -19.50 13.90
N LEU B 217 -21.08 -18.27 13.69
CA LEU B 217 -21.36 -17.16 14.58
C LEU B 217 -22.85 -16.89 14.68
N LEU B 218 -23.54 -16.92 13.55
CA LEU B 218 -24.97 -16.66 13.57
C LEU B 218 -25.74 -17.82 14.15
N LEU B 219 -25.28 -19.05 13.92
CA LEU B 219 -25.92 -20.23 14.50
C LEU B 219 -25.84 -20.18 16.02
N GLN B 220 -24.62 -20.11 16.55
CA GLN B 220 -24.46 -20.07 18.00
C GLN B 220 -24.90 -18.74 18.58
N SER B 221 -24.92 -17.68 17.78
CA SER B 221 -25.39 -16.39 18.23
C SER B 221 -26.89 -16.38 18.39
N ARG B 222 -27.62 -16.95 17.42
CA ARG B 222 -29.05 -17.13 17.56
C ARG B 222 -29.39 -18.14 18.65
N ASP B 223 -28.52 -19.11 18.89
CA ASP B 223 -28.79 -20.05 19.98
C ASP B 223 -28.61 -19.40 21.35
N LEU B 224 -27.60 -18.53 21.51
CA LEU B 224 -27.49 -17.76 22.74
C LEU B 224 -28.57 -16.69 22.84
N ASP B 225 -29.07 -16.19 21.70
CA ASP B 225 -30.23 -15.32 21.72
C ASP B 225 -31.47 -16.06 22.16
N LEU B 226 -31.61 -17.33 21.77
CA LEU B 226 -32.65 -18.18 22.32
C LEU B 226 -32.49 -18.39 23.82
N GLU B 227 -31.27 -18.67 24.27
CA GLU B 227 -31.00 -18.87 25.70
C GLU B 227 -31.12 -17.60 26.52
N ALA B 228 -31.05 -16.43 25.88
CA ALA B 228 -31.13 -15.17 26.62
C ALA B 228 -32.48 -14.50 26.47
N SER B 229 -33.24 -14.79 25.42
CA SER B 229 -34.50 -14.11 25.17
C SER B 229 -35.66 -15.07 24.98
N ALA B 230 -35.45 -16.18 24.27
CA ALA B 230 -36.51 -17.20 24.21
C ALA B 230 -36.54 -18.02 25.49
N ALA B 231 -35.37 -18.25 26.10
CA ALA B 231 -35.33 -18.85 27.43
C ALA B 231 -35.48 -17.82 28.53
N ALA B 232 -35.62 -16.53 28.18
CA ALA B 232 -36.09 -15.55 29.16
C ALA B 232 -37.54 -15.82 29.52
N HIS B 233 -38.31 -16.38 28.58
CA HIS B 233 -39.62 -16.97 28.84
C HIS B 233 -39.52 -18.47 28.57
N PRO B 234 -38.96 -19.24 29.51
CA PRO B 234 -38.65 -20.66 29.27
C PRO B 234 -39.89 -21.55 29.30
N LEU C 10 42.23 -4.75 -15.00
CA LEU C 10 43.65 -4.51 -14.75
C LEU C 10 44.20 -5.49 -13.72
N SER C 11 45.25 -5.09 -13.02
CA SER C 11 45.85 -5.90 -11.99
C SER C 11 45.04 -5.78 -10.70
N VAL C 12 45.52 -6.39 -9.61
CA VAL C 12 44.84 -6.27 -8.32
C VAL C 12 44.98 -4.84 -7.81
N TRP C 13 46.21 -4.37 -7.62
CA TRP C 13 46.47 -2.95 -7.43
C TRP C 13 46.14 -2.16 -8.69
N GLY C 14 46.17 -2.81 -9.85
CA GLY C 14 45.67 -2.21 -11.07
C GLY C 14 44.20 -1.83 -10.97
N MET C 15 43.34 -2.80 -10.66
CA MET C 15 41.92 -2.49 -10.50
C MET C 15 41.62 -1.70 -9.23
N TYR C 16 42.55 -1.66 -8.27
CA TYR C 16 42.49 -0.62 -7.25
C TYR C 16 42.64 0.75 -7.87
N GLN C 17 43.62 0.89 -8.77
CA GLN C 17 43.89 2.19 -9.39
C GLN C 17 43.07 2.43 -10.66
N HIS C 18 42.48 1.39 -11.24
CA HIS C 18 41.70 1.53 -12.47
C HIS C 18 40.42 2.32 -12.25
N ALA C 19 39.86 2.27 -11.05
CA ALA C 19 38.79 3.17 -10.66
C ALA C 19 39.39 4.43 -10.05
N ASP C 20 38.81 5.57 -10.41
CA ASP C 20 39.27 6.85 -9.91
C ASP C 20 38.92 6.98 -8.42
N ILE C 21 39.58 7.93 -7.75
CA ILE C 21 39.50 8.04 -6.29
C ILE C 21 38.09 8.45 -5.84
N VAL C 22 37.35 9.19 -6.65
CA VAL C 22 35.95 9.48 -6.34
C VAL C 22 35.10 8.25 -6.55
N VAL C 23 35.34 7.53 -7.65
CA VAL C 23 34.72 6.22 -7.89
C VAL C 23 35.14 5.24 -6.79
N LYS C 24 36.38 5.34 -6.34
CA LYS C 24 36.85 4.52 -5.23
C LYS C 24 36.11 4.86 -3.93
N CYS C 25 35.82 6.14 -3.70
CA CYS C 25 35.01 6.53 -2.55
C CYS C 25 33.60 5.99 -2.65
N VAL C 26 33.05 5.97 -3.86
CA VAL C 26 31.73 5.37 -4.09
C VAL C 26 31.75 3.88 -3.76
N MET C 27 32.80 3.19 -4.23
CA MET C 27 33.00 1.76 -3.97
C MET C 27 33.05 1.47 -2.47
N ILE C 28 33.90 2.21 -1.76
CA ILE C 28 34.10 1.97 -0.33
C ILE C 28 32.86 2.34 0.46
N GLY C 29 32.13 3.39 0.04
CA GLY C 29 30.89 3.73 0.71
C GLY C 29 29.82 2.67 0.57
N LEU C 30 29.68 2.12 -0.64
CA LEU C 30 28.72 1.04 -0.87
C LEU C 30 29.10 -0.22 -0.11
N ILE C 31 30.39 -0.59 -0.11
CA ILE C 31 30.80 -1.83 0.55
C ILE C 31 30.75 -1.68 2.07
N LEU C 32 31.05 -0.48 2.60
CA LEU C 32 30.97 -0.29 4.04
C LEU C 32 29.53 -0.26 4.53
N ALA C 33 28.63 0.39 3.78
CA ALA C 33 27.21 0.32 4.11
C ALA C 33 26.70 -1.12 4.04
N SER C 34 27.19 -1.87 3.04
CA SER C 34 26.89 -3.29 2.91
C SER C 34 27.30 -4.06 4.15
N VAL C 35 28.55 -3.90 4.59
CA VAL C 35 29.09 -4.71 5.69
C VAL C 35 28.45 -4.33 7.03
N VAL C 36 28.19 -3.04 7.25
CA VAL C 36 27.55 -2.67 8.52
C VAL C 36 26.10 -3.15 8.56
N THR C 37 25.42 -3.21 7.40
CA THR C 37 24.07 -3.75 7.45
C THR C 37 24.10 -5.28 7.39
N TRP C 38 25.22 -5.87 6.96
CA TRP C 38 25.43 -7.31 7.19
C TRP C 38 25.54 -7.60 8.67
N ALA C 39 26.20 -6.71 9.41
CA ALA C 39 26.27 -6.86 10.86
C ALA C 39 24.89 -6.68 11.49
N ILE C 40 24.12 -5.74 10.95
CA ILE C 40 22.73 -5.56 11.36
C ILE C 40 21.92 -6.82 11.06
N PHE C 41 22.15 -7.42 9.89
CA PHE C 41 21.56 -8.70 9.53
C PHE C 41 21.93 -9.80 10.51
N PHE C 42 23.21 -9.87 10.88
CA PHE C 42 23.69 -10.87 11.83
C PHE C 42 22.98 -10.73 13.16
N SER C 43 22.87 -9.49 13.65
CA SER C 43 22.21 -9.18 14.91
C SER C 43 20.74 -9.61 14.88
N LYS C 44 20.02 -9.15 13.84
CA LYS C 44 18.60 -9.50 13.70
C LYS C 44 18.41 -11.00 13.57
N SER C 45 19.26 -11.66 12.77
CA SER C 45 19.10 -13.08 12.49
C SER C 45 19.31 -13.92 13.75
N VAL C 46 20.40 -13.68 14.48
CA VAL C 46 20.65 -14.51 15.65
C VAL C 46 19.71 -14.13 16.80
N GLU C 47 19.26 -12.87 16.85
CA GLU C 47 18.37 -12.48 17.93
C GLU C 47 16.98 -13.02 17.69
N PHE C 48 16.51 -12.99 16.45
CA PHE C 48 15.22 -13.57 16.13
C PHE C 48 15.27 -15.09 16.20
N PHE C 49 16.45 -15.66 15.96
CA PHE C 49 16.68 -17.09 16.19
C PHE C 49 16.44 -17.46 17.65
N ASN C 50 17.10 -16.72 18.56
CA ASN C 50 16.88 -16.90 19.99
C ASN C 50 15.43 -16.70 20.35
N GLN C 51 14.80 -15.68 19.76
CA GLN C 51 13.42 -15.36 20.07
C GLN C 51 12.46 -16.43 19.57
N LYS C 52 12.75 -17.07 18.43
CA LYS C 52 11.79 -18.05 17.97
C LYS C 52 12.02 -19.41 18.61
N ARG C 53 13.24 -19.73 19.03
CA ARG C 53 13.39 -20.95 19.80
C ARG C 53 12.77 -20.78 21.19
N ARG C 54 12.91 -19.58 21.76
CA ARG C 54 12.21 -19.27 23.00
C ARG C 54 10.71 -19.26 22.77
N LEU C 55 10.27 -18.80 21.59
CA LEU C 55 8.87 -18.85 21.21
C LEU C 55 8.34 -20.26 21.16
N LYS C 56 9.11 -21.17 20.57
CA LYS C 56 8.70 -22.56 20.46
C LYS C 56 8.57 -23.20 21.84
N ARG C 57 9.59 -23.03 22.68
CA ARG C 57 9.55 -23.66 24.00
C ARG C 57 8.51 -23.03 24.91
N GLU C 58 8.40 -21.69 24.93
CA GLU C 58 7.44 -21.06 25.82
C GLU C 58 6.03 -21.14 25.28
N GLN C 59 5.87 -21.35 23.97
CA GLN C 59 4.56 -21.64 23.42
C GLN C 59 4.08 -23.00 23.88
N GLN C 60 4.97 -23.99 23.85
CA GLN C 60 4.64 -25.29 24.40
C GLN C 60 4.40 -25.22 25.90
N LEU C 61 5.08 -24.30 26.58
CA LEU C 61 4.90 -24.17 28.02
C LEU C 61 3.63 -23.41 28.38
N LEU C 62 3.17 -22.51 27.52
CA LEU C 62 2.05 -21.64 27.84
C LEU C 62 0.74 -22.02 27.18
N ALA C 63 0.75 -22.96 26.22
CA ALA C 63 -0.51 -23.43 25.67
C ALA C 63 -1.31 -24.21 26.71
N GLU C 64 -0.63 -24.87 27.63
CA GLU C 64 -1.25 -25.63 28.70
C GLU C 64 -1.71 -24.77 29.87
N ALA C 65 -1.54 -23.45 29.80
CA ALA C 65 -1.85 -22.60 30.93
C ALA C 65 -3.36 -22.48 31.10
N ARG C 66 -3.93 -23.43 31.83
CA ARG C 66 -5.37 -23.45 32.08
C ARG C 66 -5.82 -22.38 33.05
N SER C 67 -4.91 -21.85 33.87
CA SER C 67 -5.18 -20.69 34.68
C SER C 67 -4.20 -19.59 34.32
N LEU C 68 -4.63 -18.35 34.51
CA LEU C 68 -3.69 -17.25 34.34
C LEU C 68 -2.70 -17.20 35.49
N ASN C 69 -3.11 -17.66 36.68
CA ASN C 69 -2.16 -17.84 37.77
C ASN C 69 -1.19 -18.96 37.44
N GLN C 70 -1.70 -20.03 36.81
CA GLN C 70 -0.83 -21.04 36.22
C GLN C 70 0.09 -20.44 35.17
N ALA C 71 -0.41 -19.49 34.37
CA ALA C 71 0.44 -18.83 33.39
C ALA C 71 1.51 -17.97 34.04
N ASN C 72 1.20 -17.35 35.19
CA ASN C 72 2.20 -16.65 35.99
C ASN C 72 3.27 -17.61 36.48
N ASP C 73 2.84 -18.81 36.90
CA ASP C 73 3.78 -19.84 37.32
C ASP C 73 4.66 -20.28 36.17
N ILE C 74 4.10 -20.35 34.97
CA ILE C 74 4.88 -20.73 33.81
C ILE C 74 5.72 -19.54 33.32
N ALA C 75 5.23 -18.32 33.54
CA ALA C 75 6.07 -17.16 33.27
C ALA C 75 7.24 -17.03 34.23
N ALA C 76 7.17 -17.68 35.39
CA ALA C 76 8.27 -17.63 36.35
C ALA C 76 9.50 -18.37 35.84
N ASP C 77 9.31 -19.63 35.41
CA ASP C 77 10.44 -20.45 34.96
C ASP C 77 10.66 -20.26 33.45
N PHE C 78 10.77 -19.00 33.07
CA PHE C 78 11.24 -18.58 31.76
C PHE C 78 12.56 -17.83 31.82
N GLY C 79 13.01 -17.50 33.01
CA GLY C 79 13.99 -16.46 33.21
C GLY C 79 13.24 -15.16 33.42
N SER C 80 13.97 -14.15 33.91
CA SER C 80 13.34 -12.85 34.13
C SER C 80 13.10 -12.11 32.83
N LYS C 81 13.81 -12.49 31.76
CA LYS C 81 13.78 -11.75 30.51
C LYS C 81 12.75 -12.27 29.52
N SER C 82 11.65 -12.85 30.00
CA SER C 82 10.54 -13.22 29.13
C SER C 82 9.67 -11.99 28.86
N LEU C 83 9.32 -11.80 27.59
CA LEU C 83 8.35 -10.77 27.24
C LEU C 83 6.99 -11.07 27.84
N SER C 84 6.61 -12.36 27.85
CA SER C 84 5.32 -12.77 28.39
C SER C 84 5.24 -12.56 29.89
N LEU C 85 6.39 -12.66 30.56
CA LEU C 85 6.46 -12.33 31.99
C LEU C 85 6.10 -10.88 32.23
N HIS C 86 6.61 -9.97 31.40
CA HIS C 86 6.29 -8.56 31.58
C HIS C 86 4.89 -8.24 31.10
N LEU C 87 4.36 -9.05 30.20
CA LEU C 87 2.95 -8.91 29.84
C LEU C 87 2.04 -9.34 30.98
N LEU C 88 2.40 -10.41 31.69
CA LEU C 88 1.64 -10.76 32.88
C LEU C 88 1.88 -9.77 34.01
N ASN C 89 3.04 -9.11 34.01
CA ASN C 89 3.26 -8.00 34.93
C ASN C 89 2.34 -6.83 34.61
N GLU C 90 2.14 -6.55 33.32
CA GLU C 90 1.17 -5.55 32.89
C GLU C 90 -0.25 -5.96 33.26
N ALA C 91 -0.53 -7.25 33.18
CA ALA C 91 -1.84 -7.78 33.55
C ALA C 91 -2.12 -7.58 35.03
N GLN C 92 -1.16 -7.96 35.89
CA GLN C 92 -1.31 -7.75 37.32
C GLN C 92 -1.30 -6.26 37.67
N ASN C 93 -0.60 -5.45 36.87
CA ASN C 93 -0.63 -4.00 37.02
C ASN C 93 -2.04 -3.46 36.86
N GLU C 94 -2.72 -3.85 35.78
CA GLU C 94 -4.11 -3.39 35.67
C GLU C 94 -5.07 -4.12 36.58
N LEU C 95 -4.68 -5.30 37.10
CA LEU C 95 -5.46 -5.87 38.19
C LEU C 95 -5.39 -5.00 39.43
N GLU C 96 -4.26 -4.35 39.65
CA GLU C 96 -4.09 -3.44 40.78
C GLU C 96 -4.54 -2.02 40.48
N LEU C 97 -4.65 -1.65 39.21
CA LEU C 97 -5.11 -0.32 38.85
C LEU C 97 -6.63 -0.29 38.70
N SER C 98 -7.18 -1.35 38.12
CA SER C 98 -8.62 -1.60 38.19
C SER C 98 -8.99 -2.40 39.43
N GLU C 99 -8.15 -2.38 40.45
CA GLU C 99 -8.52 -2.91 41.76
C GLU C 99 -9.59 -2.01 42.35
N GLY C 100 -10.83 -2.51 42.36
CA GLY C 100 -11.98 -1.71 42.70
C GLY C 100 -12.91 -1.45 41.54
N SER C 101 -12.60 -1.94 40.35
CA SER C 101 -13.45 -1.76 39.17
C SER C 101 -14.42 -2.94 39.09
N ASP C 102 -15.66 -2.72 39.48
CA ASP C 102 -16.71 -3.68 39.22
C ASP C 102 -17.10 -3.72 37.74
N ASP C 103 -16.69 -2.72 36.96
CA ASP C 103 -16.84 -2.75 35.50
C ASP C 103 -15.82 -3.74 34.96
N ASN C 104 -16.16 -5.03 35.07
CA ASN C 104 -15.38 -6.06 34.43
C ASN C 104 -15.49 -5.97 32.92
N GLU C 105 -16.59 -5.40 32.44
CA GLU C 105 -16.83 -5.25 31.01
C GLU C 105 -15.85 -4.27 30.36
N GLY C 106 -15.37 -3.28 31.11
CA GLY C 106 -14.50 -2.28 30.50
C GLY C 106 -13.05 -2.72 30.44
N ILE C 107 -12.51 -3.12 31.60
CA ILE C 107 -11.08 -3.26 31.94
C ILE C 107 -10.17 -3.82 30.85
N LYS C 108 -10.59 -4.99 30.34
CA LYS C 108 -9.87 -5.83 29.40
C LYS C 108 -9.64 -5.15 28.08
N GLU C 109 -10.67 -4.42 27.61
CA GLU C 109 -10.56 -3.58 26.43
C GLU C 109 -9.52 -2.52 26.69
N ARG C 110 -9.71 -1.86 27.84
CA ARG C 110 -8.72 -0.97 28.43
C ARG C 110 -7.34 -1.61 28.49
N THR C 111 -7.28 -2.89 28.84
CA THR C 111 -5.99 -3.56 28.91
C THR C 111 -5.48 -3.89 27.52
N SER C 112 -6.41 -4.25 26.62
CA SER C 112 -6.06 -4.91 25.36
C SER C 112 -5.16 -4.05 24.52
N PHE C 113 -5.59 -2.81 24.28
CA PHE C 113 -4.78 -1.91 23.48
C PHE C 113 -3.49 -1.51 24.17
N ARG C 114 -3.47 -1.50 25.51
CA ARG C 114 -2.20 -1.46 26.23
C ARG C 114 -1.28 -2.55 25.73
N LEU C 115 -1.77 -3.79 25.84
CA LEU C 115 -1.16 -4.94 25.21
C LEU C 115 -0.87 -4.70 23.73
N GLU C 116 -1.83 -4.10 23.01
CA GLU C 116 -1.65 -3.87 21.58
C GLU C 116 -0.69 -2.72 21.30
N ARG C 117 0.06 -2.28 22.28
CA ARG C 117 1.28 -1.53 22.03
C ARG C 117 2.52 -2.29 22.46
N ARG C 118 2.53 -2.82 23.69
CA ARG C 118 3.74 -2.84 24.50
C ARG C 118 4.87 -3.67 23.89
N VAL C 119 4.69 -4.99 23.84
CA VAL C 119 5.70 -5.84 23.24
C VAL C 119 5.64 -5.75 21.73
N ALA C 120 4.49 -5.30 21.20
CA ALA C 120 4.43 -4.90 19.80
C ALA C 120 5.39 -3.75 19.54
N ALA C 121 5.50 -2.83 20.50
CA ALA C 121 6.51 -1.80 20.44
C ALA C 121 7.90 -2.40 20.52
N VAL C 122 8.05 -3.48 21.29
CA VAL C 122 9.29 -4.26 21.26
C VAL C 122 9.51 -4.82 19.87
N GLY C 123 8.45 -5.33 19.25
CA GLY C 123 8.53 -5.64 17.83
C GLY C 123 8.81 -4.42 17.01
N ARG C 124 8.19 -3.29 17.37
CA ARG C 124 8.51 -2.04 16.71
C ARG C 124 9.84 -1.47 17.18
N GLN C 125 10.43 -2.05 18.22
CA GLN C 125 11.87 -1.90 18.43
C GLN C 125 12.63 -2.42 17.23
N MET C 126 12.40 -3.70 16.90
CA MET C 126 13.25 -4.39 15.96
C MET C 126 12.96 -4.03 14.51
N GLY C 127 11.95 -3.21 14.27
CA GLY C 127 11.73 -2.62 12.97
C GLY C 127 12.47 -1.32 12.80
N ARG C 128 13.42 -1.03 13.69
CA ARG C 128 14.22 0.19 13.57
C ARG C 128 15.18 0.11 12.40
N GLY C 129 15.77 -1.06 12.16
CA GLY C 129 16.74 -1.25 11.11
C GLY C 129 16.19 -1.43 9.72
N ASN C 130 14.90 -1.16 9.52
CA ASN C 130 14.25 -1.42 8.23
C ASN C 130 14.78 -0.52 7.13
N GLY C 131 15.06 0.74 7.48
CA GLY C 131 15.44 1.73 6.48
C GLY C 131 16.79 1.40 5.88
N TYR C 132 17.68 0.81 6.70
CA TYR C 132 19.02 0.41 6.27
C TYR C 132 18.94 -0.54 5.09
N LEU C 133 18.40 -1.73 5.33
CA LEU C 133 18.23 -2.76 4.31
C LEU C 133 17.40 -2.28 3.14
N ALA C 134 16.15 -1.85 3.39
CA ALA C 134 15.22 -1.50 2.32
C ALA C 134 15.72 -0.33 1.47
N THR C 135 15.95 0.80 2.12
CA THR C 135 16.21 2.02 1.38
C THR C 135 17.63 2.03 0.80
N ILE C 136 18.62 1.51 1.55
CA ILE C 136 19.98 1.49 1.01
C ILE C 136 20.07 0.50 -0.15
N GLY C 137 19.33 -0.62 -0.09
CA GLY C 137 19.30 -1.50 -1.24
C GLY C 137 18.53 -0.93 -2.42
N ALA C 138 17.60 -0.02 -2.15
CA ALA C 138 16.92 0.65 -3.25
C ALA C 138 17.80 1.71 -3.91
N ILE C 139 18.59 2.43 -3.11
CA ILE C 139 19.32 3.58 -3.65
C ILE C 139 20.71 3.19 -4.14
N SER C 140 21.23 2.04 -3.71
CA SER C 140 22.53 1.58 -4.17
C SER C 140 22.70 1.45 -5.69
N PRO C 141 21.70 0.99 -6.49
CA PRO C 141 21.89 1.11 -7.94
C PRO C 141 21.90 2.55 -8.40
N PHE C 142 21.28 3.45 -7.66
CA PHE C 142 21.25 4.85 -8.07
C PHE C 142 22.58 5.50 -7.74
N VAL C 143 23.23 5.02 -6.68
CA VAL C 143 24.63 5.34 -6.44
C VAL C 143 25.48 4.80 -7.59
N GLY C 144 25.15 3.60 -8.08
CA GLY C 144 25.80 3.10 -9.29
C GLY C 144 25.53 3.95 -10.51
N LEU C 145 24.34 4.56 -10.58
CA LEU C 145 24.04 5.51 -11.64
C LEU C 145 24.92 6.74 -11.55
N PHE C 146 25.17 7.23 -10.33
CA PHE C 146 26.14 8.32 -10.19
C PHE C 146 27.54 7.89 -10.61
N GLY C 147 27.91 6.66 -10.30
CA GLY C 147 29.19 6.14 -10.75
C GLY C 147 29.29 6.08 -12.26
N THR C 148 28.20 5.72 -12.93
CA THR C 148 28.16 5.73 -14.39
C THR C 148 28.27 7.15 -14.92
N VAL C 149 27.59 8.10 -14.28
CA VAL C 149 27.64 9.50 -14.73
C VAL C 149 29.06 10.05 -14.62
N TRP C 150 29.72 9.77 -13.50
CA TRP C 150 31.09 10.24 -13.28
C TRP C 150 32.06 9.59 -14.27
N GLY C 151 31.95 8.26 -14.42
CA GLY C 151 32.87 7.54 -15.29
C GLY C 151 32.67 7.85 -16.76
N ILE C 152 31.42 8.02 -17.19
CA ILE C 152 31.17 8.30 -18.60
C ILE C 152 31.41 9.78 -18.91
N MET C 153 31.33 10.67 -17.91
CA MET C 153 31.78 12.04 -18.09
C MET C 153 33.28 12.10 -18.32
N ASN C 154 34.06 11.39 -17.50
CA ASN C 154 35.48 11.31 -17.75
C ASN C 154 35.83 10.51 -19.01
N SER C 155 34.95 9.59 -19.43
CA SER C 155 35.12 8.93 -20.71
C SER C 155 34.94 9.90 -21.87
N PHE C 156 33.98 10.82 -21.74
CA PHE C 156 33.79 11.86 -22.74
C PHE C 156 34.97 12.82 -22.77
N ILE C 157 35.57 13.07 -21.60
CA ILE C 157 36.83 13.81 -21.55
C ILE C 157 37.92 13.06 -22.31
N GLY C 158 37.98 11.73 -22.14
CA GLY C 158 38.96 10.94 -22.85
C GLY C 158 38.72 10.84 -24.34
N ILE C 159 37.46 10.93 -24.77
CA ILE C 159 37.15 11.03 -26.20
C ILE C 159 37.60 12.39 -26.72
N ALA C 160 37.32 13.46 -25.98
CA ALA C 160 37.72 14.81 -26.36
C ALA C 160 39.23 15.00 -26.34
N GLN C 161 39.97 14.13 -25.65
CA GLN C 161 41.43 14.16 -25.75
C GLN C 161 41.92 13.41 -26.97
N THR C 162 41.07 12.59 -27.60
CA THR C 162 41.49 11.74 -28.71
C THR C 162 40.73 11.99 -30.00
N GLN C 163 39.39 12.15 -29.91
CA GLN C 163 38.48 12.24 -31.07
C GLN C 163 38.64 11.03 -32.00
N THR C 164 38.87 9.86 -31.41
CA THR C 164 39.03 8.64 -32.19
C THR C 164 37.75 7.82 -32.24
N THR C 165 36.94 7.88 -31.18
CA THR C 165 35.58 7.33 -31.12
C THR C 165 35.60 5.81 -31.33
N ASN C 166 36.57 5.15 -30.72
CA ASN C 166 36.65 3.70 -30.71
C ASN C 166 36.51 3.19 -29.28
N LEU C 167 36.68 1.88 -29.09
CA LEU C 167 36.54 1.29 -27.77
C LEU C 167 37.71 1.62 -26.84
N ALA C 168 38.88 1.87 -27.42
CA ALA C 168 40.07 2.14 -26.60
C ALA C 168 39.96 3.47 -25.88
N VAL C 169 39.44 4.51 -26.53
CA VAL C 169 39.42 5.84 -25.93
C VAL C 169 38.31 6.03 -24.92
N VAL C 170 37.41 5.06 -24.79
CA VAL C 170 36.30 5.13 -23.84
C VAL C 170 36.42 4.05 -22.77
N ALA C 171 37.10 2.95 -23.09
CA ALA C 171 36.94 1.70 -22.35
C ALA C 171 37.43 1.68 -20.89
N PRO C 172 38.49 2.37 -20.44
CA PRO C 172 38.78 2.35 -19.00
C PRO C 172 37.73 3.05 -18.16
N GLY C 173 37.16 4.15 -18.64
CA GLY C 173 36.04 4.76 -17.95
C GLY C 173 34.79 3.90 -17.99
N ILE C 174 34.62 3.13 -19.07
CA ILE C 174 33.56 2.13 -19.14
C ILE C 174 33.73 1.10 -18.04
N ALA C 175 34.96 0.61 -17.84
CA ALA C 175 35.24 -0.39 -16.82
C ALA C 175 35.04 0.18 -15.42
N GLU C 176 35.40 1.45 -15.20
CA GLU C 176 35.18 2.08 -13.91
C GLU C 176 33.70 2.27 -13.61
N ALA C 177 32.92 2.70 -14.63
CA ALA C 177 31.49 2.87 -14.45
C ALA C 177 30.79 1.53 -14.22
N LEU C 178 31.23 0.48 -14.90
CA LEU C 178 30.66 -0.85 -14.68
C LEU C 178 31.05 -1.41 -13.33
N LEU C 179 32.25 -1.06 -12.83
CA LEU C 179 32.65 -1.46 -11.48
C LEU C 179 31.76 -0.79 -10.44
N ALA C 180 31.50 0.51 -10.62
CA ALA C 180 30.58 1.22 -9.74
C ALA C 180 29.17 0.66 -9.82
N THR C 181 28.75 0.25 -11.02
CA THR C 181 27.41 -0.32 -11.20
C THR C 181 27.29 -1.66 -10.49
N ALA C 182 28.29 -2.52 -10.66
CA ALA C 182 28.26 -3.84 -10.05
C ALA C 182 28.31 -3.74 -8.52
N ILE C 183 29.10 -2.79 -8.00
CA ILE C 183 29.15 -2.64 -6.55
C ILE C 183 27.86 -2.00 -6.01
N GLY C 184 27.21 -1.15 -6.81
CA GLY C 184 25.87 -0.71 -6.47
C GLY C 184 24.87 -1.84 -6.44
N LEU C 185 24.98 -2.79 -7.34
CA LEU C 185 24.05 -3.92 -7.35
C LEU C 185 24.33 -4.90 -6.21
N VAL C 186 25.62 -5.08 -5.86
CA VAL C 186 25.99 -5.87 -4.70
C VAL C 186 25.48 -5.25 -3.42
N ALA C 187 25.60 -3.93 -3.30
CA ALA C 187 24.98 -3.24 -2.17
C ALA C 187 23.47 -3.13 -2.28
N ALA C 188 22.90 -3.44 -3.44
CA ALA C 188 21.45 -3.33 -3.64
C ALA C 188 20.68 -4.59 -3.24
N ILE C 189 21.00 -5.71 -3.87
CA ILE C 189 20.07 -6.85 -3.91
C ILE C 189 19.92 -7.60 -2.57
N PRO C 190 21.00 -8.04 -1.86
CA PRO C 190 20.75 -8.74 -0.58
C PRO C 190 20.11 -7.87 0.47
N ALA C 191 20.29 -6.55 0.39
CA ALA C 191 19.70 -5.65 1.38
C ALA C 191 18.17 -5.65 1.28
N VAL C 192 17.64 -5.43 0.09
CA VAL C 192 16.19 -5.41 -0.08
C VAL C 192 15.62 -6.82 0.09
N VAL C 193 16.34 -7.85 -0.35
CA VAL C 193 15.70 -9.17 -0.24
C VAL C 193 15.73 -9.69 1.19
N ILE C 194 16.76 -9.40 1.97
CA ILE C 194 16.73 -9.87 3.35
C ILE C 194 15.95 -8.88 4.21
N TYR C 195 15.74 -7.66 3.70
CA TYR C 195 14.70 -6.79 4.24
C TYR C 195 13.34 -7.45 4.16
N ASN C 196 13.01 -8.01 3.00
CA ASN C 196 11.70 -8.65 2.84
C ASN C 196 11.62 -9.93 3.65
N VAL C 197 12.76 -10.64 3.77
CA VAL C 197 12.86 -11.80 4.66
C VAL C 197 12.54 -11.41 6.11
N PHE C 198 13.21 -10.36 6.60
CA PHE C 198 13.02 -9.94 7.98
C PHE C 198 11.64 -9.35 8.22
N ALA C 199 11.03 -8.70 7.22
CA ALA C 199 9.67 -8.20 7.39
C ALA C 199 8.68 -9.36 7.41
N ARG C 200 8.95 -10.42 6.67
CA ARG C 200 8.13 -11.62 6.77
C ARG C 200 8.32 -12.31 8.11
N GLN C 201 9.53 -12.24 8.67
CA GLN C 201 9.75 -12.75 10.02
C GLN C 201 9.01 -11.91 11.05
N ILE C 202 9.01 -10.58 10.86
CA ILE C 202 8.20 -9.67 11.66
C ILE C 202 6.74 -10.11 11.63
N GLY C 203 6.23 -10.38 10.43
CA GLY C 203 4.85 -10.82 10.28
C GLY C 203 4.55 -12.10 11.03
N GLY C 204 5.33 -13.15 10.76
CA GLY C 204 5.04 -14.45 11.38
C GLY C 204 5.25 -14.45 12.89
N PHE C 205 6.41 -13.96 13.33
CA PHE C 205 6.75 -13.98 14.75
C PHE C 205 5.85 -13.06 15.55
N LYS C 206 5.64 -11.83 15.08
CA LYS C 206 4.82 -10.86 15.79
C LYS C 206 3.35 -11.27 15.76
N ALA C 207 2.93 -11.98 14.71
CA ALA C 207 1.57 -12.51 14.67
C ALA C 207 1.38 -13.58 15.74
N MET C 208 2.34 -14.52 15.86
CA MET C 208 2.19 -15.56 16.88
C MET C 208 2.33 -14.97 18.28
N LEU C 209 3.11 -13.89 18.41
CA LEU C 209 3.13 -13.15 19.65
C LEU C 209 1.76 -12.54 19.95
N GLY C 210 1.08 -12.05 18.92
CA GLY C 210 -0.27 -11.57 19.10
C GLY C 210 -1.25 -12.69 19.44
N ASP C 211 -0.96 -13.90 18.97
CA ASP C 211 -1.76 -15.05 19.33
C ASP C 211 -1.63 -15.35 20.80
N VAL C 212 -0.40 -15.31 21.30
CA VAL C 212 -0.14 -15.44 22.73
C VAL C 212 -0.79 -14.32 23.51
N ALA C 213 -0.80 -13.12 22.93
CA ALA C 213 -1.42 -11.96 23.58
C ALA C 213 -2.92 -12.15 23.71
N ALA C 214 -3.56 -12.66 22.67
CA ALA C 214 -4.99 -12.94 22.73
C ALA C 214 -5.28 -14.09 23.68
N GLN C 215 -4.36 -15.06 23.76
CA GLN C 215 -4.47 -16.12 24.76
C GLN C 215 -4.50 -15.56 26.17
N VAL C 216 -3.62 -14.63 26.48
CA VAL C 216 -3.57 -14.04 27.82
C VAL C 216 -4.79 -13.16 28.06
N LEU C 217 -5.17 -12.38 27.05
CA LEU C 217 -6.41 -11.59 27.08
C LEU C 217 -7.62 -12.46 27.38
N LEU C 218 -7.71 -13.63 26.77
CA LEU C 218 -8.87 -14.45 27.02
C LEU C 218 -8.74 -15.23 28.30
N LEU C 219 -7.53 -15.52 28.77
CA LEU C 219 -7.38 -16.09 30.10
C LEU C 219 -7.94 -15.14 31.15
N GLN C 220 -7.54 -13.87 31.07
CA GLN C 220 -8.06 -12.89 32.01
C GLN C 220 -9.53 -12.61 31.74
N SER C 221 -9.94 -12.70 30.47
CA SER C 221 -11.31 -12.41 30.11
C SER C 221 -12.26 -13.48 30.63
N ARG C 222 -11.85 -14.74 30.54
CA ARG C 222 -12.64 -15.84 31.07
C ARG C 222 -12.61 -15.87 32.58
N ASP C 223 -11.47 -15.52 33.19
CA ASP C 223 -11.42 -15.51 34.65
C ASP C 223 -12.23 -14.36 35.24
N LEU C 224 -12.26 -13.21 34.58
CA LEU C 224 -13.13 -12.13 35.04
C LEU C 224 -14.58 -12.35 34.67
N ASP C 225 -14.87 -13.12 33.62
CA ASP C 225 -16.23 -13.60 33.41
C ASP C 225 -16.67 -14.54 34.52
N LEU C 226 -15.75 -15.37 35.01
CA LEU C 226 -16.03 -16.20 36.18
C LEU C 226 -16.33 -15.33 37.40
N GLU C 227 -15.48 -14.32 37.66
CA GLU C 227 -15.69 -13.44 38.79
C GLU C 227 -16.89 -12.52 38.63
N ALA C 228 -17.36 -12.29 37.40
CA ALA C 228 -18.52 -11.45 37.16
C ALA C 228 -19.82 -12.24 37.24
N SER C 229 -19.91 -13.34 36.50
CA SER C 229 -21.16 -14.10 36.39
C SER C 229 -21.13 -15.39 37.17
N ALA C 230 -20.01 -16.12 37.16
CA ALA C 230 -19.95 -17.36 37.93
C ALA C 230 -19.75 -17.09 39.40
N ALA C 231 -19.03 -16.02 39.74
CA ALA C 231 -18.97 -15.55 41.14
C ALA C 231 -20.00 -14.45 41.35
N ALA C 232 -21.23 -14.76 40.95
CA ALA C 232 -22.41 -13.93 41.21
C ALA C 232 -23.49 -14.62 42.04
N HIS C 233 -24.00 -15.84 41.72
CA HIS C 233 -23.70 -16.78 40.62
C HIS C 233 -24.81 -16.82 39.58
N ALA D 19 27.90 27.40 -18.62
CA ALA D 19 27.84 26.92 -19.99
C ALA D 19 26.41 26.98 -20.53
N ASP D 20 25.77 25.82 -20.65
CA ASP D 20 24.36 25.76 -21.01
C ASP D 20 23.52 26.32 -19.87
N ILE D 21 22.28 26.71 -20.19
CA ILE D 21 21.45 27.41 -19.24
C ILE D 21 20.19 26.63 -18.85
N VAL D 22 19.52 25.94 -19.80
CA VAL D 22 18.27 25.25 -19.47
C VAL D 22 18.55 24.00 -18.65
N VAL D 23 19.57 23.24 -19.03
CA VAL D 23 20.07 22.15 -18.19
C VAL D 23 20.57 22.69 -16.86
N LYS D 24 21.20 23.87 -16.90
CA LYS D 24 21.57 24.54 -15.66
C LYS D 24 20.36 25.01 -14.87
N CYS D 25 19.26 25.37 -15.55
CA CYS D 25 18.03 25.71 -14.84
C CYS D 25 17.46 24.49 -14.11
N VAL D 26 17.52 23.32 -14.75
CA VAL D 26 17.07 22.09 -14.10
C VAL D 26 17.96 21.77 -12.90
N MET D 27 19.29 21.93 -13.07
CA MET D 27 20.22 21.60 -12.00
C MET D 27 20.08 22.57 -10.82
N ILE D 28 19.82 23.85 -11.08
CA ILE D 28 19.65 24.76 -9.95
C ILE D 28 18.28 24.59 -9.32
N GLY D 29 17.28 24.11 -10.08
CA GLY D 29 16.04 23.70 -9.45
C GLY D 29 16.24 22.54 -8.50
N LEU D 30 17.09 21.59 -8.90
CA LEU D 30 17.48 20.50 -8.02
C LEU D 30 18.20 21.00 -6.77
N ILE D 31 19.14 21.93 -6.95
CA ILE D 31 19.94 22.41 -5.82
C ILE D 31 19.11 23.28 -4.89
N LEU D 32 18.18 24.08 -5.42
CA LEU D 32 17.34 24.92 -4.57
C LEU D 32 16.27 24.09 -3.85
N ALA D 33 15.76 23.05 -4.50
CA ALA D 33 14.91 22.09 -3.79
C ALA D 33 15.69 21.36 -2.71
N SER D 34 16.98 21.11 -2.95
CA SER D 34 17.85 20.55 -1.91
C SER D 34 18.01 21.52 -0.76
N VAL D 35 18.11 22.83 -1.04
CA VAL D 35 18.25 23.82 0.03
C VAL D 35 16.99 23.88 0.90
N VAL D 36 15.82 23.87 0.25
CA VAL D 36 14.54 23.81 0.97
C VAL D 36 14.45 22.53 1.79
N THR D 37 14.89 21.42 1.21
CA THR D 37 14.85 20.12 1.88
C THR D 37 15.76 20.09 3.10
N TRP D 38 17.00 20.57 2.95
CA TRP D 38 17.94 20.58 4.08
C TRP D 38 17.48 21.54 5.17
N ALA D 39 16.88 22.67 4.77
CA ALA D 39 16.35 23.59 5.76
C ALA D 39 15.22 22.96 6.56
N ILE D 40 14.32 22.26 5.86
CA ILE D 40 13.25 21.53 6.53
C ILE D 40 13.82 20.45 7.43
N PHE D 41 14.81 19.70 6.93
CA PHE D 41 15.47 18.64 7.72
C PHE D 41 16.11 19.17 8.99
N PHE D 42 16.83 20.29 8.88
CA PHE D 42 17.47 20.90 10.04
C PHE D 42 16.43 21.33 11.08
N SER D 43 15.39 22.04 10.62
CA SER D 43 14.35 22.52 11.52
C SER D 43 13.61 21.39 12.20
N LYS D 44 13.18 20.40 11.40
CA LYS D 44 12.52 19.21 11.93
C LYS D 44 13.41 18.48 12.91
N SER D 45 14.67 18.24 12.57
CA SER D 45 15.55 17.41 13.40
C SER D 45 15.87 18.07 14.73
N VAL D 46 16.13 19.38 14.72
CA VAL D 46 16.37 20.10 15.98
C VAL D 46 15.10 20.12 16.83
N GLU D 47 13.96 20.38 16.20
CA GLU D 47 12.68 20.34 16.89
C GLU D 47 12.39 18.96 17.46
N PHE D 48 12.75 17.91 16.73
CA PHE D 48 12.46 16.55 17.16
C PHE D 48 13.35 16.15 18.30
N PHE D 49 14.60 16.64 18.32
CA PHE D 49 15.45 16.38 19.48
C PHE D 49 14.90 17.06 20.73
N ASN D 50 14.47 18.32 20.58
CA ASN D 50 13.85 19.03 21.69
C ASN D 50 12.65 18.27 22.21
N GLN D 51 11.77 17.88 21.28
CA GLN D 51 10.57 17.12 21.59
C GLN D 51 10.88 15.78 22.22
N LYS D 52 11.88 15.07 21.73
CA LYS D 52 12.06 13.71 22.17
C LYS D 52 12.85 13.62 23.46
N ARG D 53 13.86 14.47 23.67
CA ARG D 53 14.53 14.40 24.96
C ARG D 53 13.67 15.04 26.04
N ARG D 54 12.96 16.12 25.70
CA ARG D 54 11.94 16.66 26.59
C ARG D 54 10.86 15.63 26.87
N LEU D 55 10.49 14.86 25.87
CA LEU D 55 9.45 13.85 26.04
C LEU D 55 9.96 12.66 26.83
N LYS D 56 11.25 12.38 26.72
CA LYS D 56 11.88 11.36 27.54
C LYS D 56 11.77 11.72 29.02
N ARG D 57 12.19 12.93 29.36
CA ARG D 57 12.11 13.38 30.75
C ARG D 57 10.66 13.51 31.22
N GLU D 58 9.82 14.17 30.43
CA GLU D 58 8.44 14.39 30.82
C GLU D 58 7.61 13.12 30.75
N GLN D 59 8.05 12.12 30.01
CA GLN D 59 7.43 10.82 30.01
C GLN D 59 7.75 10.06 31.28
N GLN D 60 9.01 10.16 31.72
CA GLN D 60 9.37 9.67 33.06
C GLN D 60 8.58 10.41 34.14
N LEU D 61 8.30 11.69 33.91
CA LEU D 61 7.51 12.47 34.86
C LEU D 61 6.05 12.00 34.91
N LEU D 62 5.40 11.95 33.74
CA LEU D 62 3.97 11.68 33.65
C LEU D 62 3.64 10.20 33.65
N ALA D 63 4.64 9.30 33.70
CA ALA D 63 4.34 7.88 33.83
C ALA D 63 3.67 7.58 35.17
N GLU D 64 4.03 8.33 36.21
CA GLU D 64 3.33 8.21 37.47
C GLU D 64 2.50 9.43 37.80
N ALA D 65 2.03 10.16 36.80
CA ALA D 65 0.94 11.10 37.01
C ALA D 65 -0.31 10.27 37.23
N ARG D 66 -0.69 10.10 38.50
CA ARG D 66 -1.64 9.06 38.88
C ARG D 66 -3.04 9.59 39.16
N SER D 67 -3.23 10.91 39.16
CA SER D 67 -4.56 11.47 39.08
C SER D 67 -4.55 12.52 37.99
N LEU D 68 -5.76 12.91 37.57
CA LEU D 68 -5.90 14.03 36.62
C LEU D 68 -5.36 15.31 37.22
N ASN D 69 -5.57 15.51 38.53
CA ASN D 69 -4.92 16.63 39.21
C ASN D 69 -3.41 16.45 39.23
N GLN D 70 -2.95 15.21 39.47
CA GLN D 70 -1.52 14.94 39.38
C GLN D 70 -1.02 15.01 37.94
N ALA D 71 -1.90 14.72 36.98
CA ALA D 71 -1.54 14.90 35.58
C ALA D 71 -1.33 16.36 35.23
N ASN D 72 -2.21 17.24 35.73
CA ASN D 72 -2.02 18.67 35.53
C ASN D 72 -0.80 19.19 36.28
N ASP D 73 -0.60 18.72 37.52
CA ASP D 73 0.45 19.27 38.37
C ASP D 73 1.83 18.84 37.88
N ILE D 74 1.96 17.60 37.42
CA ILE D 74 3.23 17.18 36.85
C ILE D 74 3.45 17.85 35.50
N ALA D 75 2.39 18.03 34.72
CA ALA D 75 2.56 18.75 33.46
C ALA D 75 2.57 20.26 33.63
N ALA D 76 2.47 20.77 34.85
CA ALA D 76 2.42 22.22 35.06
C ALA D 76 3.77 22.87 34.78
N ASP D 77 4.86 22.26 35.23
CA ASP D 77 6.18 22.85 35.08
C ASP D 77 6.77 22.70 33.69
N PHE D 78 6.00 22.15 32.75
CA PHE D 78 6.51 21.91 31.41
C PHE D 78 6.67 23.19 30.62
N GLY D 79 6.06 24.28 31.07
CA GLY D 79 5.86 25.45 30.25
C GLY D 79 4.63 25.30 29.38
N SER D 80 4.34 26.36 28.64
CA SER D 80 3.19 26.33 27.73
C SER D 80 3.46 25.51 26.47
N LYS D 81 4.70 25.09 26.25
CA LYS D 81 5.06 24.35 25.05
C LYS D 81 4.75 22.86 25.15
N SER D 82 4.08 22.42 26.20
CA SER D 82 3.67 21.02 26.31
C SER D 82 2.47 20.77 25.41
N LEU D 83 2.62 19.84 24.47
CA LEU D 83 1.48 19.39 23.69
C LEU D 83 0.44 18.70 24.57
N SER D 84 0.92 17.96 25.57
CA SER D 84 0.04 17.17 26.42
C SER D 84 -0.77 18.04 27.38
N LEU D 85 -0.26 19.24 27.68
CA LEU D 85 -1.02 20.14 28.54
C LEU D 85 -2.28 20.64 27.86
N HIS D 86 -2.21 20.84 26.54
CA HIS D 86 -3.41 21.17 25.79
C HIS D 86 -4.35 19.99 25.69
N LEU D 87 -3.84 18.78 25.85
CA LEU D 87 -4.70 17.61 25.89
C LEU D 87 -5.32 17.44 27.26
N LEU D 88 -4.63 17.87 28.32
CA LEU D 88 -5.27 18.02 29.61
C LEU D 88 -6.36 19.08 29.56
N ASN D 89 -6.13 20.14 28.78
CA ASN D 89 -7.14 21.16 28.56
C ASN D 89 -8.33 20.60 27.79
N GLU D 90 -8.06 19.76 26.80
CA GLU D 90 -9.08 19.01 26.06
C GLU D 90 -9.93 18.17 27.01
N ALA D 91 -9.26 17.46 27.93
CA ALA D 91 -9.95 16.60 28.88
C ALA D 91 -10.82 17.40 29.85
N GLN D 92 -10.27 18.49 30.38
CA GLN D 92 -11.05 19.35 31.27
C GLN D 92 -12.19 20.04 30.53
N ASN D 93 -11.99 20.31 29.23
CA ASN D 93 -13.03 20.89 28.40
C ASN D 93 -14.23 19.97 28.32
N GLU D 94 -14.02 18.72 27.96
CA GLU D 94 -15.20 17.84 27.98
C GLU D 94 -15.57 17.33 29.36
N LEU D 95 -14.77 17.60 30.39
CA LEU D 95 -15.32 17.49 31.75
C LEU D 95 -16.37 18.55 31.98
N GLU D 96 -16.09 19.77 31.53
CA GLU D 96 -17.00 20.89 31.77
C GLU D 96 -18.19 20.85 30.83
N LEU D 97 -18.02 20.33 29.62
CA LEU D 97 -19.10 20.26 28.65
C LEU D 97 -20.06 19.12 28.93
N SER D 98 -19.59 18.06 29.56
CA SER D 98 -20.46 16.95 29.94
C SER D 98 -21.21 17.21 31.24
N GLU D 99 -21.08 18.40 31.81
CA GLU D 99 -21.83 18.77 32.99
C GLU D 99 -23.30 18.96 32.64
N GLY D 100 -24.18 18.61 33.57
CA GLY D 100 -25.60 18.65 33.37
C GLY D 100 -26.25 17.29 33.17
N SER D 101 -25.60 16.40 32.41
CA SER D 101 -26.10 15.05 32.20
C SER D 101 -25.30 14.08 33.07
N ASP D 102 -25.93 12.98 33.44
CA ASP D 102 -25.26 11.96 34.25
C ASP D 102 -24.49 10.95 33.42
N ASP D 103 -24.41 11.12 32.10
CA ASP D 103 -23.72 10.17 31.24
C ASP D 103 -22.22 10.34 31.42
N ASN D 104 -21.64 9.55 32.31
CA ASN D 104 -20.19 9.36 32.29
C ASN D 104 -19.79 8.55 31.07
N GLU D 105 -20.66 7.62 30.65
CA GLU D 105 -20.25 6.45 29.89
C GLU D 105 -19.91 6.78 28.45
N GLY D 106 -20.58 7.75 27.84
CA GLY D 106 -20.29 8.08 26.46
C GLY D 106 -18.97 8.82 26.31
N ILE D 107 -18.83 9.95 27.01
CA ILE D 107 -17.73 10.95 27.03
C ILE D 107 -16.39 10.49 26.53
N LYS D 108 -15.95 9.45 27.23
CA LYS D 108 -14.64 8.79 27.19
C LYS D 108 -14.22 8.39 25.80
N GLU D 109 -15.12 7.67 25.12
CA GLU D 109 -14.91 7.24 23.75
C GLU D 109 -14.77 8.46 22.86
N ARG D 110 -15.74 9.37 23.03
CA ARG D 110 -15.72 10.68 22.39
C ARG D 110 -14.42 11.40 22.68
N THR D 111 -14.00 11.37 23.96
CA THR D 111 -12.79 12.05 24.34
C THR D 111 -11.57 11.33 23.79
N SER D 112 -11.65 9.98 23.75
CA SER D 112 -10.67 9.19 23.02
C SER D 112 -10.58 9.65 21.59
N PHE D 113 -11.75 9.86 20.98
CA PHE D 113 -11.75 10.31 19.62
C PHE D 113 -11.32 11.76 19.50
N ARG D 114 -11.52 12.56 20.56
CA ARG D 114 -10.91 13.89 20.58
C ARG D 114 -9.41 13.75 20.44
N LEU D 115 -8.83 12.81 21.19
CA LEU D 115 -7.44 12.47 21.02
C LEU D 115 -7.18 11.93 19.63
N GLU D 116 -8.09 11.09 19.12
CA GLU D 116 -7.97 10.59 17.76
C GLU D 116 -8.13 11.69 16.73
N ARG D 117 -8.68 12.83 17.12
CA ARG D 117 -8.46 14.02 16.33
C ARG D 117 -7.12 14.64 16.65
N ARG D 118 -6.94 15.07 17.91
CA ARG D 118 -5.95 16.09 18.24
C ARG D 118 -4.53 15.61 17.99
N VAL D 119 -4.23 14.38 18.40
CA VAL D 119 -2.91 13.80 18.25
C VAL D 119 -2.55 13.66 16.79
N ALA D 120 -3.53 13.25 15.96
CA ALA D 120 -3.29 13.17 14.52
C ALA D 120 -2.99 14.55 13.97
N ALA D 121 -3.71 15.55 14.47
CA ALA D 121 -3.44 16.95 14.17
C ALA D 121 -2.02 17.32 14.56
N VAL D 122 -1.59 16.83 15.73
CA VAL D 122 -0.21 17.02 16.16
C VAL D 122 0.75 16.42 15.16
N GLY D 123 0.45 15.19 14.71
CA GLY D 123 1.23 14.62 13.63
C GLY D 123 1.04 15.38 12.34
N ARG D 124 -0.18 15.83 12.09
CA ARG D 124 -0.43 16.67 10.92
C ARG D 124 0.12 18.07 11.12
N GLN D 125 0.45 18.44 12.36
CA GLN D 125 1.27 19.61 12.64
C GLN D 125 2.56 19.59 11.85
N MET D 126 3.16 18.42 11.69
CA MET D 126 4.33 18.33 10.84
C MET D 126 4.03 17.66 9.51
N GLY D 127 2.75 17.54 9.15
CA GLY D 127 2.38 16.81 7.95
C GLY D 127 2.62 17.51 6.63
N ARG D 128 3.14 18.75 6.66
CA ARG D 128 3.13 19.59 5.47
C ARG D 128 4.27 19.23 4.50
N GLY D 129 5.51 19.39 4.93
CA GLY D 129 6.63 19.20 4.04
C GLY D 129 7.06 17.78 3.82
N ASN D 130 6.31 16.82 4.34
CA ASN D 130 6.73 15.42 4.29
C ASN D 130 6.58 14.84 2.90
N GLY D 131 5.36 14.90 2.35
CA GLY D 131 5.12 14.40 1.00
C GLY D 131 5.90 15.17 -0.05
N TYR D 132 6.12 16.48 0.22
CA TYR D 132 7.00 17.32 -0.58
C TYR D 132 8.34 16.68 -0.84
N LEU D 133 9.11 16.49 0.23
CA LEU D 133 10.49 16.11 0.04
C LEU D 133 10.61 14.62 -0.23
N ALA D 134 9.62 13.84 0.21
CA ALA D 134 9.58 12.41 -0.13
C ALA D 134 9.45 12.22 -1.63
N THR D 135 8.42 12.82 -2.22
CA THR D 135 8.25 12.70 -3.66
C THR D 135 9.32 13.45 -4.44
N ILE D 136 9.93 14.48 -3.85
CA ILE D 136 11.09 15.13 -4.46
C ILE D 136 12.24 14.14 -4.59
N GLY D 137 12.57 13.43 -3.52
CA GLY D 137 13.59 12.39 -3.61
C GLY D 137 13.21 11.23 -4.50
N ALA D 138 11.90 11.01 -4.67
CA ALA D 138 11.46 9.97 -5.60
C ALA D 138 11.71 10.36 -7.06
N ILE D 139 11.28 11.56 -7.46
CA ILE D 139 11.27 11.91 -8.89
C ILE D 139 12.43 12.80 -9.32
N SER D 140 13.32 13.15 -8.42
CA SER D 140 14.58 13.79 -8.80
C SER D 140 15.40 13.07 -9.87
N PRO D 141 15.53 11.73 -9.92
CA PRO D 141 16.16 11.13 -11.10
C PRO D 141 15.33 11.27 -12.34
N PHE D 142 14.02 11.48 -12.21
CA PHE D 142 13.19 11.59 -13.40
C PHE D 142 13.33 12.97 -14.02
N VAL D 143 13.49 14.00 -13.19
CA VAL D 143 13.74 15.31 -13.75
C VAL D 143 15.20 15.42 -14.21
N GLY D 144 16.13 14.69 -13.57
CA GLY D 144 17.46 14.58 -14.14
C GLY D 144 17.45 13.84 -15.47
N LEU D 145 16.55 12.87 -15.59
CA LEU D 145 16.35 12.17 -16.86
C LEU D 145 15.81 13.12 -17.91
N PHE D 146 14.91 14.01 -17.53
CA PHE D 146 14.45 15.02 -18.48
C PHE D 146 15.57 15.96 -18.88
N GLY D 147 16.46 16.29 -17.95
CA GLY D 147 17.60 17.13 -18.28
C GLY D 147 18.51 16.48 -19.29
N THR D 148 18.80 15.18 -19.11
CA THR D 148 19.65 14.53 -20.09
C THR D 148 18.92 14.25 -21.40
N VAL D 149 17.59 14.12 -21.38
CA VAL D 149 16.82 14.01 -22.60
C VAL D 149 16.90 15.30 -23.40
N TRP D 150 16.72 16.43 -22.71
CA TRP D 150 16.88 17.76 -23.30
C TRP D 150 18.27 17.94 -23.90
N GLY D 151 19.31 17.52 -23.16
CA GLY D 151 20.67 17.72 -23.62
C GLY D 151 21.03 16.87 -24.82
N ILE D 152 20.69 15.58 -24.78
CA ILE D 152 21.05 14.71 -25.89
C ILE D 152 20.19 14.99 -27.12
N MET D 153 18.95 15.45 -26.92
CA MET D 153 18.13 15.85 -28.05
C MET D 153 18.67 17.11 -28.71
N ASN D 154 19.18 18.06 -27.92
CA ASN D 154 19.83 19.23 -28.50
C ASN D 154 21.14 18.87 -29.18
N SER D 155 21.84 17.85 -28.67
CA SER D 155 23.05 17.36 -29.33
C SER D 155 22.75 16.78 -30.71
N PHE D 156 21.70 15.97 -30.80
CA PHE D 156 21.35 15.40 -32.09
C PHE D 156 20.64 16.39 -33.01
N ILE D 157 20.11 17.49 -32.49
CA ILE D 157 19.79 18.62 -33.36
C ILE D 157 21.07 19.28 -33.87
N GLY D 158 22.11 19.32 -33.03
CA GLY D 158 23.38 19.87 -33.44
C GLY D 158 24.09 19.05 -34.50
N ILE D 159 23.82 17.74 -34.54
CA ILE D 159 24.37 16.88 -35.59
C ILE D 159 23.25 16.31 -36.47
N ALA D 160 22.21 17.09 -36.74
CA ALA D 160 21.07 16.67 -37.56
C ALA D 160 21.32 16.80 -39.06
N GLN D 161 22.59 16.81 -39.49
CA GLN D 161 22.95 16.89 -40.89
C GLN D 161 22.82 15.53 -41.58
N THR D 162 23.42 15.39 -42.76
CA THR D 162 23.28 14.16 -43.53
C THR D 162 24.14 13.04 -42.95
N GLN D 163 25.46 13.23 -42.95
CA GLN D 163 26.37 12.17 -42.51
C GLN D 163 27.47 12.80 -41.67
N THR D 164 27.41 12.55 -40.36
CA THR D 164 28.40 13.05 -39.41
C THR D 164 29.21 11.83 -38.95
N THR D 165 30.35 12.08 -38.30
CA THR D 165 31.07 11.04 -37.58
C THR D 165 31.57 11.76 -36.33
N ASN D 166 32.51 11.16 -35.58
CA ASN D 166 33.30 11.82 -34.53
C ASN D 166 32.41 12.35 -33.40
N LEU D 167 31.89 11.40 -32.60
CA LEU D 167 31.03 11.69 -31.45
C LEU D 167 31.64 12.63 -30.40
N ALA D 168 32.94 12.95 -30.49
CA ALA D 168 33.53 14.01 -29.69
C ALA D 168 32.90 15.38 -29.95
N VAL D 169 32.25 15.58 -31.10
CA VAL D 169 31.52 16.82 -31.34
C VAL D 169 30.23 16.87 -30.54
N VAL D 170 29.76 15.73 -30.02
CA VAL D 170 28.61 15.68 -29.14
C VAL D 170 28.90 14.97 -27.83
N ALA D 171 30.16 14.62 -27.56
CA ALA D 171 30.49 14.02 -26.27
C ALA D 171 30.36 14.99 -25.08
N PRO D 172 30.92 16.22 -25.07
CA PRO D 172 30.73 17.06 -23.89
C PRO D 172 29.32 17.60 -23.73
N GLY D 173 28.52 17.66 -24.80
CA GLY D 173 27.12 17.99 -24.65
C GLY D 173 26.35 16.92 -23.93
N ILE D 174 26.63 15.66 -24.23
CA ILE D 174 25.99 14.56 -23.51
C ILE D 174 26.55 14.48 -22.09
N ALA D 175 27.80 14.89 -21.87
CA ALA D 175 28.33 14.98 -20.51
C ALA D 175 27.61 16.03 -19.68
N GLU D 176 27.35 17.21 -20.27
CA GLU D 176 26.61 18.25 -19.58
C GLU D 176 25.14 17.85 -19.41
N ALA D 177 24.63 17.01 -20.30
CA ALA D 177 23.32 16.40 -20.11
C ALA D 177 23.32 15.44 -18.92
N LEU D 178 24.38 14.65 -18.77
CA LEU D 178 24.51 13.72 -17.66
C LEU D 178 24.71 14.43 -16.33
N LEU D 179 25.21 15.67 -16.35
CA LEU D 179 25.29 16.47 -15.13
C LEU D 179 23.92 16.67 -14.49
N ALA D 180 22.87 16.76 -15.33
CA ALA D 180 21.50 16.86 -14.82
C ALA D 180 21.10 15.59 -14.08
N THR D 181 21.44 14.41 -14.63
CA THR D 181 21.19 13.16 -13.93
C THR D 181 22.00 13.06 -12.65
N ALA D 182 23.22 13.61 -12.67
CA ALA D 182 24.08 13.60 -11.50
C ALA D 182 23.46 14.37 -10.34
N ILE D 183 23.05 15.62 -10.60
CA ILE D 183 22.44 16.41 -9.53
C ILE D 183 21.03 15.90 -9.23
N GLY D 184 20.39 15.22 -10.18
CA GLY D 184 19.15 14.51 -9.88
C GLY D 184 19.35 13.41 -8.85
N LEU D 185 20.44 12.66 -8.98
CA LEU D 185 20.77 11.64 -7.98
C LEU D 185 21.16 12.27 -6.65
N VAL D 186 21.92 13.37 -6.70
CA VAL D 186 22.38 14.08 -5.50
C VAL D 186 21.19 14.59 -4.69
N ALA D 187 20.19 15.14 -5.38
CA ALA D 187 18.97 15.52 -4.69
C ALA D 187 18.07 14.33 -4.37
N ALA D 188 18.22 13.22 -5.08
CA ALA D 188 17.30 12.09 -4.94
C ALA D 188 17.54 11.31 -3.66
N ILE D 189 18.80 11.09 -3.31
CA ILE D 189 19.14 10.21 -2.18
C ILE D 189 18.63 10.76 -0.84
N PRO D 190 19.11 11.89 -0.31
CA PRO D 190 18.85 12.16 1.11
C PRO D 190 17.43 12.62 1.38
N ALA D 191 16.65 12.96 0.36
CA ALA D 191 15.29 13.40 0.60
C ALA D 191 14.39 12.21 0.95
N VAL D 192 14.45 11.16 0.13
CA VAL D 192 13.80 9.90 0.48
C VAL D 192 14.40 9.31 1.75
N VAL D 193 15.71 9.45 1.94
CA VAL D 193 16.37 8.94 3.15
C VAL D 193 15.82 9.63 4.40
N ILE D 194 15.81 10.96 4.38
CA ILE D 194 15.35 11.75 5.51
C ILE D 194 13.85 11.61 5.71
N TYR D 195 13.09 11.35 4.65
CA TYR D 195 11.66 11.07 4.84
C TYR D 195 11.46 9.73 5.53
N ASN D 196 12.26 8.72 5.17
CA ASN D 196 12.10 7.43 5.83
C ASN D 196 12.52 7.52 7.30
N VAL D 197 13.55 8.29 7.59
CA VAL D 197 13.95 8.55 8.97
C VAL D 197 12.85 9.30 9.72
N PHE D 198 12.30 10.33 9.09
CA PHE D 198 11.29 11.15 9.74
C PHE D 198 9.99 10.40 9.94
N ALA D 199 9.56 9.60 8.97
CA ALA D 199 8.37 8.79 9.14
C ALA D 199 8.59 7.67 10.16
N ARG D 200 9.83 7.18 10.27
CA ARG D 200 10.16 6.19 11.28
C ARG D 200 10.00 6.77 12.68
N GLN D 201 10.49 7.98 12.90
CA GLN D 201 10.24 8.55 14.21
C GLN D 201 8.93 9.32 14.30
N ILE D 202 8.22 9.51 13.19
CA ILE D 202 6.79 9.77 13.27
C ILE D 202 6.11 8.60 13.96
N GLY D 203 6.44 7.39 13.53
CA GLY D 203 5.95 6.19 14.19
C GLY D 203 6.36 6.12 15.64
N GLY D 204 7.64 6.38 15.93
CA GLY D 204 8.12 6.32 17.31
C GLY D 204 7.52 7.39 18.20
N PHE D 205 7.45 8.62 17.71
CA PHE D 205 7.02 9.73 18.54
C PHE D 205 5.50 9.72 18.70
N LYS D 206 4.76 9.39 17.62
CA LYS D 206 3.32 9.18 17.74
C LYS D 206 3.01 7.98 18.61
N ALA D 207 3.88 6.97 18.63
CA ALA D 207 3.67 5.83 19.52
C ALA D 207 3.79 6.25 20.97
N MET D 208 4.84 7.01 21.30
CA MET D 208 4.98 7.51 22.66
C MET D 208 3.88 8.49 23.02
N LEU D 209 3.41 9.27 22.05
CA LEU D 209 2.35 10.21 22.33
C LEU D 209 1.03 9.49 22.48
N GLY D 210 0.82 8.40 21.75
CA GLY D 210 -0.34 7.57 21.96
C GLY D 210 -0.28 6.81 23.26
N ASP D 211 0.93 6.50 23.72
CA ASP D 211 1.11 5.97 25.07
C ASP D 211 0.63 6.96 26.09
N VAL D 212 1.01 8.22 25.92
CA VAL D 212 0.59 9.29 26.83
C VAL D 212 -0.93 9.46 26.77
N ALA D 213 -1.48 9.43 25.56
CA ALA D 213 -2.92 9.59 25.39
C ALA D 213 -3.69 8.43 26.01
N ALA D 214 -3.18 7.22 25.85
CA ALA D 214 -3.81 6.06 26.46
C ALA D 214 -3.69 6.11 27.97
N GLN D 215 -2.57 6.64 28.48
CA GLN D 215 -2.44 6.79 29.93
C GLN D 215 -3.44 7.79 30.48
N VAL D 216 -3.66 8.89 29.76
CA VAL D 216 -4.64 9.88 30.18
C VAL D 216 -6.04 9.31 30.12
N LEU D 217 -6.34 8.56 29.06
CA LEU D 217 -7.63 7.90 28.95
C LEU D 217 -7.84 6.88 30.04
N LEU D 218 -6.79 6.17 30.44
CA LEU D 218 -6.94 5.22 31.52
C LEU D 218 -7.06 5.92 32.85
N LEU D 219 -6.37 7.05 33.01
CA LEU D 219 -6.52 7.87 34.22
C LEU D 219 -7.95 8.32 34.38
N GLN D 220 -8.50 8.97 33.36
CA GLN D 220 -9.87 9.46 33.45
C GLN D 220 -10.86 8.32 33.43
N SER D 221 -10.49 7.19 32.82
CA SER D 221 -11.37 6.03 32.79
C SER D 221 -11.46 5.38 34.15
N ARG D 222 -10.32 5.22 34.83
CA ARG D 222 -10.32 4.73 36.19
C ARG D 222 -10.96 5.72 37.15
N ASP D 223 -10.86 7.02 36.87
CA ASP D 223 -11.50 7.98 37.76
C ASP D 223 -13.02 7.98 37.59
N LEU D 224 -13.51 7.80 36.37
CA LEU D 224 -14.95 7.67 36.16
C LEU D 224 -15.46 6.31 36.66
N ASP D 225 -14.60 5.29 36.63
CA ASP D 225 -14.96 4.01 37.23
C ASP D 225 -15.00 4.11 38.74
N LEU D 226 -14.10 4.91 39.34
CA LEU D 226 -14.18 5.17 40.77
C LEU D 226 -15.35 6.08 41.12
N GLU D 227 -15.83 6.89 40.17
CA GLU D 227 -17.10 7.57 40.38
C GLU D 227 -18.25 6.59 40.39
N ALA D 228 -18.35 5.76 39.35
CA ALA D 228 -19.45 4.82 39.21
C ALA D 228 -19.36 3.67 40.22
N SER D 229 -18.21 3.45 40.84
CA SER D 229 -18.04 2.40 41.82
C SER D 229 -18.03 2.94 43.24
N ALA D 230 -17.57 4.18 43.44
CA ALA D 230 -17.65 4.82 44.74
C ALA D 230 -19.08 5.24 45.05
N ALA D 231 -19.87 5.55 44.03
CA ALA D 231 -21.31 5.64 44.19
C ALA D 231 -21.96 4.27 44.34
N ALA D 232 -21.27 3.20 43.92
CA ALA D 232 -21.79 1.85 44.09
C ALA D 232 -21.35 1.22 45.41
N HIS D 233 -20.06 1.30 45.74
CA HIS D 233 -19.56 0.70 46.98
C HIS D 233 -19.88 1.60 48.17
N VAL E 12 12.23 24.08 -37.58
CA VAL E 12 11.45 24.39 -38.77
C VAL E 12 10.02 23.88 -38.63
N TRP E 13 9.12 24.40 -39.45
CA TRP E 13 7.74 23.90 -39.47
C TRP E 13 7.69 22.48 -40.03
N GLY E 14 8.56 22.18 -40.99
CA GLY E 14 8.75 20.79 -41.39
C GLY E 14 9.40 19.97 -40.30
N MET E 15 10.27 20.60 -39.48
CA MET E 15 10.87 19.92 -38.34
C MET E 15 9.91 19.70 -37.19
N TYR E 16 8.72 20.31 -37.24
CA TYR E 16 7.68 20.01 -36.26
C TYR E 16 6.94 18.72 -36.62
N GLN E 17 6.64 18.55 -37.91
CA GLN E 17 6.07 17.30 -38.42
C GLN E 17 7.12 16.37 -38.98
N HIS E 18 8.32 16.37 -38.39
CA HIS E 18 9.49 15.72 -38.98
C HIS E 18 9.38 14.21 -38.91
N ALA E 19 9.34 13.58 -40.09
CA ALA E 19 9.46 12.14 -40.36
C ALA E 19 8.30 11.30 -39.82
N ASP E 20 7.35 11.90 -39.11
CA ASP E 20 6.27 11.19 -38.45
C ASP E 20 5.26 12.22 -37.95
N ILE E 21 4.00 11.80 -37.85
CA ILE E 21 2.97 12.64 -37.26
C ILE E 21 2.16 11.92 -36.19
N VAL E 22 2.19 10.58 -36.13
CA VAL E 22 1.45 9.89 -35.08
C VAL E 22 2.22 9.97 -33.76
N VAL E 23 3.54 10.09 -33.81
CA VAL E 23 4.26 10.36 -32.58
C VAL E 23 4.05 11.82 -32.18
N LYS E 24 3.87 12.71 -33.16
CA LYS E 24 3.43 14.07 -32.85
C LYS E 24 1.99 14.07 -32.32
N CYS E 25 1.18 13.12 -32.79
CA CYS E 25 -0.17 12.96 -32.26
C CYS E 25 -0.15 12.53 -30.80
N VAL E 26 0.80 11.69 -30.41
CA VAL E 26 0.81 11.36 -28.99
C VAL E 26 1.47 12.46 -28.15
N MET E 27 2.35 13.29 -28.76
CA MET E 27 2.82 14.50 -28.07
C MET E 27 1.65 15.39 -27.70
N ILE E 28 0.81 15.70 -28.69
CA ILE E 28 -0.29 16.62 -28.44
C ILE E 28 -1.38 15.95 -27.60
N GLY E 29 -1.48 14.61 -27.67
CA GLY E 29 -2.38 13.92 -26.77
C GLY E 29 -1.97 14.03 -25.32
N LEU E 30 -0.67 13.88 -25.05
CA LEU E 30 -0.14 14.07 -23.70
C LEU E 30 -0.36 15.50 -23.21
N ILE E 31 -0.04 16.50 -24.04
CA ILE E 31 -0.18 17.85 -23.50
C ILE E 31 -1.63 18.35 -23.49
N LEU E 32 -2.53 17.78 -24.30
CA LEU E 32 -3.94 18.16 -24.18
C LEU E 32 -4.61 17.49 -22.98
N ALA E 33 -4.23 16.24 -22.67
CA ALA E 33 -4.67 15.65 -21.40
C ALA E 33 -4.09 16.42 -20.22
N SER E 34 -2.87 16.96 -20.40
CA SER E 34 -2.29 17.86 -19.41
C SER E 34 -3.15 19.11 -19.21
N VAL E 35 -3.63 19.72 -20.31
CA VAL E 35 -4.45 20.93 -20.22
C VAL E 35 -5.79 20.64 -19.54
N VAL E 36 -6.39 19.48 -19.84
CA VAL E 36 -7.62 19.05 -19.17
C VAL E 36 -7.38 18.91 -17.67
N THR E 37 -6.27 18.27 -17.31
CA THR E 37 -5.98 18.16 -15.89
C THR E 37 -5.45 19.47 -15.29
N TRP E 38 -4.99 20.42 -16.11
CA TRP E 38 -4.71 21.77 -15.60
C TRP E 38 -5.99 22.45 -15.20
N ALA E 39 -7.03 22.29 -16.03
CA ALA E 39 -8.36 22.79 -15.67
C ALA E 39 -8.84 22.15 -14.39
N ILE E 40 -8.62 20.84 -14.26
CA ILE E 40 -8.88 20.11 -13.01
C ILE E 40 -8.11 20.73 -11.85
N PHE E 41 -6.84 21.06 -12.09
CA PHE E 41 -5.96 21.60 -11.05
C PHE E 41 -6.42 22.96 -10.56
N PHE E 42 -6.56 23.92 -11.48
CA PHE E 42 -6.91 25.28 -11.07
C PHE E 42 -8.33 25.34 -10.54
N SER E 43 -9.22 24.48 -11.04
CA SER E 43 -10.58 24.41 -10.51
C SER E 43 -10.59 23.94 -9.06
N LYS E 44 -9.91 22.83 -8.77
CA LYS E 44 -9.85 22.33 -7.40
C LYS E 44 -9.04 23.25 -6.51
N SER E 45 -8.08 23.97 -7.10
CA SER E 45 -7.27 24.94 -6.37
C SER E 45 -8.12 26.08 -5.85
N VAL E 46 -8.86 26.74 -6.74
CA VAL E 46 -9.71 27.85 -6.30
C VAL E 46 -10.89 27.32 -5.49
N GLU E 47 -11.28 26.07 -5.72
CA GLU E 47 -12.31 25.41 -4.94
C GLU E 47 -11.93 25.31 -3.48
N PHE E 48 -10.81 24.65 -3.17
CA PHE E 48 -10.41 24.51 -1.78
C PHE E 48 -9.83 25.82 -1.24
N PHE E 49 -9.50 26.76 -2.11
CA PHE E 49 -9.20 28.11 -1.62
C PHE E 49 -10.43 28.75 -1.00
N ASN E 50 -11.55 28.72 -1.73
CA ASN E 50 -12.83 29.18 -1.20
C ASN E 50 -13.23 28.37 0.02
N GLN E 51 -12.93 27.07 0.00
CA GLN E 51 -13.30 26.19 1.10
C GLN E 51 -12.47 26.48 2.35
N LYS E 52 -11.18 26.74 2.20
CA LYS E 52 -10.36 26.99 3.37
C LYS E 52 -10.67 28.34 3.97
N ARG E 53 -10.89 29.37 3.13
CA ARG E 53 -11.33 30.65 3.65
C ARG E 53 -12.69 30.54 4.34
N ARG E 54 -13.64 29.88 3.67
CA ARG E 54 -15.00 29.77 4.18
C ARG E 54 -15.02 28.97 5.47
N LEU E 55 -14.52 27.73 5.42
CA LEU E 55 -14.45 26.85 6.58
C LEU E 55 -13.55 27.39 7.69
N LYS E 56 -12.60 28.27 7.36
CA LYS E 56 -11.86 28.99 8.38
C LYS E 56 -12.80 29.92 9.16
N ARG E 57 -13.55 30.74 8.42
CA ARG E 57 -14.54 31.65 9.03
C ARG E 57 -15.62 30.86 9.76
N GLU E 58 -16.17 29.85 9.11
CA GLU E 58 -17.23 29.00 9.63
C GLU E 58 -16.75 28.13 10.77
N GLN E 59 -15.46 27.83 10.82
CA GLN E 59 -14.84 27.15 11.93
C GLN E 59 -14.78 28.04 13.15
N GLN E 60 -14.36 29.28 12.95
CA GLN E 60 -14.42 30.29 14.01
C GLN E 60 -15.83 30.52 14.49
N LEU E 61 -16.82 30.40 13.60
CA LEU E 61 -18.22 30.54 14.00
C LEU E 61 -18.70 29.33 14.81
N LEU E 62 -18.72 28.16 14.18
CA LEU E 62 -19.37 26.98 14.77
C LEU E 62 -18.47 26.19 15.70
N ALA E 63 -17.26 26.67 16.02
CA ALA E 63 -16.48 25.99 17.04
C ALA E 63 -17.12 26.13 18.41
N GLU E 64 -17.85 27.23 18.63
CA GLU E 64 -18.52 27.47 19.90
C GLU E 64 -20.01 27.72 19.69
N ALA E 65 -20.61 27.06 18.70
CA ALA E 65 -22.06 27.04 18.57
C ALA E 65 -22.59 26.15 19.68
N ARG E 66 -23.11 26.78 20.74
CA ARG E 66 -23.37 26.09 22.00
C ARG E 66 -24.52 25.10 21.93
N SER E 67 -25.37 25.20 20.92
CA SER E 67 -26.50 24.30 20.79
C SER E 67 -26.61 23.84 19.34
N LEU E 68 -27.45 22.82 19.13
CA LEU E 68 -27.86 22.49 17.77
C LEU E 68 -28.68 23.61 17.16
N ASN E 69 -29.40 24.36 18.00
CA ASN E 69 -30.02 25.60 17.53
C ASN E 69 -28.96 26.64 17.18
N GLN E 70 -27.89 26.71 17.98
CA GLN E 70 -26.77 27.56 17.58
C GLN E 70 -25.97 26.95 16.44
N ALA E 71 -25.94 25.62 16.33
CA ALA E 71 -25.32 25.01 15.16
C ALA E 71 -26.08 25.34 13.90
N ASN E 72 -27.41 25.52 14.00
CA ASN E 72 -28.20 25.95 12.86
C ASN E 72 -28.04 27.44 12.58
N ASP E 73 -28.28 28.27 13.61
CA ASP E 73 -28.39 29.71 13.41
C ASP E 73 -27.03 30.33 13.14
N ILE E 74 -25.98 29.79 13.75
CA ILE E 74 -24.64 30.27 13.45
C ILE E 74 -24.19 29.72 12.08
N ALA E 75 -24.86 28.69 11.57
CA ALA E 75 -24.66 28.29 10.18
C ALA E 75 -25.54 29.02 9.20
N ALA E 76 -26.46 29.87 9.67
CA ALA E 76 -27.45 30.46 8.77
C ALA E 76 -26.83 31.53 7.88
N ASP E 77 -25.77 32.19 8.36
CA ASP E 77 -25.08 33.21 7.58
C ASP E 77 -24.12 32.64 6.55
N PHE E 78 -24.08 31.32 6.40
CA PHE E 78 -23.11 30.70 5.51
C PHE E 78 -23.48 30.87 4.06
N GLY E 79 -24.74 31.21 3.78
CA GLY E 79 -25.32 30.97 2.48
C GLY E 79 -25.89 29.57 2.38
N SER E 80 -26.63 29.34 1.30
CA SER E 80 -27.25 28.03 1.10
C SER E 80 -26.24 26.97 0.66
N LYS E 81 -25.02 27.37 0.32
CA LYS E 81 -24.05 26.50 -0.31
C LYS E 81 -22.99 25.97 0.66
N SER E 82 -23.32 25.83 1.94
CA SER E 82 -22.39 25.24 2.89
C SER E 82 -22.67 23.75 3.03
N LEU E 83 -21.60 22.98 3.25
CA LEU E 83 -21.77 21.57 3.56
C LEU E 83 -22.32 21.36 4.96
N SER E 84 -22.05 22.33 5.84
CA SER E 84 -22.61 22.33 7.19
C SER E 84 -24.12 22.35 7.16
N LEU E 85 -24.69 23.07 6.19
CA LEU E 85 -26.14 23.05 5.98
C LEU E 85 -26.63 21.65 5.67
N HIS E 86 -25.89 20.91 4.85
CA HIS E 86 -26.27 19.53 4.54
C HIS E 86 -26.13 18.63 5.75
N LEU E 87 -25.14 18.88 6.60
CA LEU E 87 -24.99 18.05 7.77
C LEU E 87 -26.06 18.34 8.82
N LEU E 88 -26.47 19.61 8.92
CA LEU E 88 -27.61 19.93 9.76
C LEU E 88 -28.90 19.34 9.18
N ASN E 89 -28.98 19.22 7.86
CA ASN E 89 -30.10 18.52 7.23
C ASN E 89 -30.09 17.05 7.61
N GLU E 90 -28.90 16.43 7.64
CA GLU E 90 -28.77 15.03 8.07
C GLU E 90 -29.20 14.86 9.52
N ALA E 91 -28.79 15.81 10.38
CA ALA E 91 -29.12 15.74 11.80
C ALA E 91 -30.62 15.90 12.04
N GLN E 92 -31.22 16.92 11.43
CA GLN E 92 -32.66 17.12 11.55
C GLN E 92 -33.43 15.99 10.87
N ASN E 93 -32.84 15.36 9.84
CA ASN E 93 -33.44 14.19 9.23
C ASN E 93 -33.52 13.04 10.21
N GLU E 94 -32.43 12.77 10.93
CA GLU E 94 -32.52 11.74 11.96
C GLU E 94 -33.39 12.14 13.13
N LEU E 95 -33.53 13.43 13.42
CA LEU E 95 -34.49 13.87 14.42
C LEU E 95 -35.92 13.55 13.97
N GLU E 96 -36.21 13.82 12.70
CA GLU E 96 -37.54 13.56 12.16
C GLU E 96 -37.79 12.07 11.96
N LEU E 97 -36.72 11.29 11.83
CA LEU E 97 -36.87 9.85 11.68
C LEU E 97 -36.89 9.16 13.03
N SER E 98 -36.29 9.76 14.05
CA SER E 98 -36.40 9.26 15.41
C SER E 98 -37.53 9.92 16.18
N GLU E 99 -38.58 10.37 15.50
CA GLU E 99 -39.76 10.82 16.20
C GLU E 99 -40.49 9.60 16.77
N GLY E 100 -40.80 9.66 18.06
CA GLY E 100 -41.28 8.50 18.78
C GLY E 100 -40.20 7.64 19.38
N SER E 101 -38.95 7.81 18.96
CA SER E 101 -37.84 7.05 19.52
C SER E 101 -37.47 7.61 20.88
N ASP E 102 -37.96 6.97 21.94
CA ASP E 102 -37.51 7.28 23.29
C ASP E 102 -36.07 6.87 23.52
N ASP E 103 -35.55 5.92 22.73
CA ASP E 103 -34.15 5.51 22.77
C ASP E 103 -33.32 6.61 22.16
N ASN E 104 -32.90 7.56 22.99
CA ASN E 104 -31.86 8.49 22.58
C ASN E 104 -30.56 7.76 22.29
N GLU E 105 -30.26 6.75 23.11
CA GLU E 105 -28.94 6.13 23.18
C GLU E 105 -28.55 5.43 21.89
N GLY E 106 -29.52 4.91 21.15
CA GLY E 106 -29.21 4.31 19.86
C GLY E 106 -28.84 5.34 18.82
N ILE E 107 -29.83 6.17 18.46
CA ILE E 107 -29.89 7.15 17.35
C ILE E 107 -28.58 7.60 16.75
N LYS E 108 -27.74 8.08 17.67
CA LYS E 108 -26.43 8.70 17.49
C LYS E 108 -25.47 7.91 16.63
N GLU E 109 -25.32 6.63 16.98
CA GLU E 109 -24.50 5.69 16.20
C GLU E 109 -25.09 5.56 14.82
N ARG E 110 -26.41 5.30 14.79
CA ARG E 110 -27.16 5.25 13.54
C ARG E 110 -27.05 6.55 12.76
N THR E 111 -26.91 7.67 13.47
CA THR E 111 -26.77 8.94 12.76
C THR E 111 -25.35 9.08 12.21
N SER E 112 -24.36 8.70 13.02
CA SER E 112 -23.00 9.20 12.87
C SER E 112 -22.40 8.77 11.55
N PHE E 113 -22.45 7.47 11.28
CA PHE E 113 -21.86 6.93 10.07
C PHE E 113 -22.63 7.34 8.82
N ARG E 114 -23.90 7.73 8.96
CA ARG E 114 -24.59 8.47 7.90
C ARG E 114 -23.74 9.62 7.43
N LEU E 115 -23.45 10.53 8.37
CA LEU E 115 -22.47 11.58 8.26
C LEU E 115 -21.20 11.07 7.65
N GLU E 116 -20.69 9.95 8.17
CA GLU E 116 -19.38 9.51 7.73
C GLU E 116 -19.45 8.94 6.33
N ARG E 117 -20.58 8.33 5.95
CA ARG E 117 -20.73 7.97 4.54
C ARG E 117 -20.85 9.23 3.71
N ARG E 118 -21.60 10.22 4.23
CA ARG E 118 -21.62 11.55 3.63
C ARG E 118 -20.23 12.15 3.59
N VAL E 119 -19.40 11.88 4.61
CA VAL E 119 -18.03 12.38 4.62
C VAL E 119 -17.23 11.76 3.48
N ALA E 120 -17.46 10.47 3.23
CA ALA E 120 -16.82 9.86 2.07
C ALA E 120 -17.41 10.42 0.79
N ALA E 121 -18.70 10.75 0.83
CA ALA E 121 -19.32 11.49 -0.27
C ALA E 121 -18.68 12.86 -0.40
N VAL E 122 -18.27 13.43 0.74
CA VAL E 122 -17.44 14.64 0.73
C VAL E 122 -16.17 14.42 -0.08
N GLY E 123 -15.48 13.30 0.18
CA GLY E 123 -14.38 12.92 -0.69
C GLY E 123 -14.87 12.66 -2.11
N ARG E 124 -16.02 12.03 -2.21
CA ARG E 124 -16.62 11.84 -3.52
C ARG E 124 -17.32 13.09 -4.02
N GLN E 125 -17.31 14.19 -3.26
CA GLN E 125 -17.57 15.49 -3.87
C GLN E 125 -16.55 15.78 -4.95
N MET E 126 -15.29 15.39 -4.73
CA MET E 126 -14.29 15.42 -5.78
C MET E 126 -13.48 14.15 -5.86
N GLY E 127 -14.15 12.98 -5.87
CA GLY E 127 -13.46 11.75 -6.18
C GLY E 127 -13.02 11.65 -7.63
N ARG E 128 -13.61 12.45 -8.52
CA ARG E 128 -13.29 12.42 -9.93
C ARG E 128 -12.08 13.33 -10.23
N GLY E 129 -11.52 13.14 -11.42
CA GLY E 129 -10.33 13.87 -11.86
C GLY E 129 -9.01 13.36 -11.31
N ASN E 130 -9.01 12.67 -10.16
CA ASN E 130 -7.80 12.34 -9.45
C ASN E 130 -6.98 11.26 -10.15
N GLY E 131 -7.67 10.24 -10.68
CA GLY E 131 -6.97 9.15 -11.36
C GLY E 131 -6.23 9.61 -12.59
N TYR E 132 -6.77 10.65 -13.26
CA TYR E 132 -6.10 11.29 -14.40
C TYR E 132 -4.72 11.78 -14.02
N LEU E 133 -4.67 12.72 -13.07
CA LEU E 133 -3.43 13.31 -12.60
C LEU E 133 -2.44 12.27 -12.07
N ALA E 134 -2.92 11.40 -11.17
CA ALA E 134 -2.04 10.45 -10.51
C ALA E 134 -1.49 9.41 -11.49
N THR E 135 -2.38 8.67 -12.15
CA THR E 135 -1.91 7.55 -12.97
C THR E 135 -1.26 8.04 -14.26
N ILE E 136 -1.78 9.13 -14.87
CA ILE E 136 -1.15 9.70 -16.04
C ILE E 136 0.23 10.25 -15.70
N GLY E 137 0.38 10.91 -14.54
CA GLY E 137 1.69 11.36 -14.13
C GLY E 137 2.64 10.25 -13.77
N ALA E 138 2.11 9.07 -13.45
CA ALA E 138 2.98 7.89 -13.32
C ALA E 138 3.45 7.39 -14.68
N ILE E 139 2.52 7.13 -15.60
CA ILE E 139 2.82 6.31 -16.77
C ILE E 139 3.03 7.07 -18.07
N SER E 140 2.96 8.39 -18.05
CA SER E 140 3.30 9.21 -19.21
C SER E 140 4.68 8.97 -19.83
N PRO E 141 5.79 8.74 -19.08
CA PRO E 141 7.02 8.36 -19.77
C PRO E 141 6.99 6.98 -20.37
N PHE E 142 5.99 6.16 -20.05
CA PHE E 142 5.88 4.87 -20.71
C PHE E 142 5.21 5.03 -22.06
N VAL E 143 4.27 5.98 -22.14
CA VAL E 143 3.77 6.46 -23.42
C VAL E 143 4.92 7.03 -24.24
N GLY E 144 5.76 7.84 -23.59
CA GLY E 144 6.96 8.34 -24.25
C GLY E 144 7.93 7.24 -24.63
N LEU E 145 7.94 6.16 -23.86
CA LEU E 145 8.79 5.00 -24.16
C LEU E 145 8.31 4.27 -25.40
N PHE E 146 7.01 4.13 -25.57
CA PHE E 146 6.50 3.59 -26.82
C PHE E 146 6.81 4.52 -27.97
N GLY E 147 6.77 5.83 -27.71
CA GLY E 147 7.21 6.79 -28.73
C GLY E 147 8.66 6.61 -29.11
N THR E 148 9.51 6.29 -28.12
CA THR E 148 10.92 6.00 -28.40
C THR E 148 11.06 4.76 -29.26
N VAL E 149 10.35 3.69 -28.90
CA VAL E 149 10.48 2.43 -29.61
C VAL E 149 9.98 2.57 -31.05
N TRP E 150 8.88 3.31 -31.24
CA TRP E 150 8.38 3.66 -32.56
C TRP E 150 9.42 4.43 -33.36
N GLY E 151 10.00 5.47 -32.76
CA GLY E 151 10.96 6.30 -33.47
C GLY E 151 12.25 5.58 -33.81
N ILE E 152 12.74 4.74 -32.89
CA ILE E 152 14.01 4.08 -33.16
C ILE E 152 13.81 2.90 -34.10
N MET E 153 12.61 2.29 -34.13
CA MET E 153 12.33 1.29 -35.14
C MET E 153 12.28 1.91 -36.53
N ASN E 154 11.68 3.10 -36.63
CA ASN E 154 11.67 3.80 -37.91
C ASN E 154 13.07 4.27 -38.32
N SER E 155 13.89 4.68 -37.35
CA SER E 155 15.28 5.03 -37.67
C SER E 155 16.08 3.80 -38.06
N PHE E 156 15.72 2.63 -37.53
CA PHE E 156 16.40 1.40 -37.93
C PHE E 156 15.97 0.96 -39.32
N ILE E 157 14.72 1.25 -39.70
CA ILE E 157 14.30 1.12 -41.10
C ILE E 157 15.17 2.02 -41.99
N GLY E 158 15.40 3.26 -41.54
CA GLY E 158 16.24 4.18 -42.30
C GLY E 158 17.68 3.75 -42.42
N ILE E 159 18.28 3.23 -41.33
CA ILE E 159 19.69 2.85 -41.37
C ILE E 159 19.89 1.40 -41.80
N ALA E 160 18.80 0.66 -42.06
CA ALA E 160 18.87 -0.55 -42.85
C ALA E 160 18.58 -0.28 -44.32
N GLN E 161 18.02 0.88 -44.63
CA GLN E 161 17.92 1.37 -46.00
C GLN E 161 19.24 1.97 -46.47
N THR E 162 19.96 2.65 -45.56
CA THR E 162 21.26 3.19 -45.93
C THR E 162 22.39 2.20 -45.69
N GLN E 163 22.33 1.44 -44.59
CA GLN E 163 23.30 0.43 -44.16
C GLN E 163 24.71 0.99 -43.95
N THR E 164 24.86 2.30 -43.82
CA THR E 164 26.08 2.85 -43.24
C THR E 164 26.01 2.76 -41.73
N THR E 165 24.81 2.99 -41.17
CA THR E 165 24.45 2.95 -39.75
C THR E 165 25.27 3.93 -38.93
N ASN E 166 25.75 4.99 -39.56
CA ASN E 166 26.50 6.04 -38.90
C ASN E 166 26.43 7.32 -39.74
N LEU E 167 26.30 8.47 -39.07
CA LEU E 167 26.07 8.60 -37.63
C LEU E 167 24.88 9.53 -37.44
N ALA E 168 24.76 10.48 -38.38
CA ALA E 168 23.60 11.36 -38.43
C ALA E 168 22.42 10.71 -39.12
N VAL E 169 22.59 9.52 -39.69
CA VAL E 169 21.49 8.80 -40.31
C VAL E 169 20.51 8.24 -39.28
N VAL E 170 20.92 8.16 -38.02
CA VAL E 170 20.02 7.76 -36.95
C VAL E 170 19.48 8.99 -36.21
N ALA E 171 20.05 10.17 -36.48
CA ALA E 171 19.87 11.33 -35.61
C ALA E 171 18.45 11.91 -35.55
N PRO E 172 17.69 12.08 -36.64
CA PRO E 172 16.32 12.59 -36.45
C PRO E 172 15.38 11.60 -35.77
N GLY E 173 15.60 10.29 -35.96
CA GLY E 173 14.83 9.31 -35.21
C GLY E 173 15.15 9.34 -33.73
N ILE E 174 16.43 9.51 -33.40
CA ILE E 174 16.83 9.69 -31.99
C ILE E 174 16.22 10.95 -31.42
N ALA E 175 16.18 12.03 -32.21
CA ALA E 175 15.64 13.30 -31.76
C ALA E 175 14.14 13.23 -31.49
N GLU E 176 13.38 12.56 -32.37
CA GLU E 176 11.95 12.45 -32.12
C GLU E 176 11.64 11.42 -31.04
N ALA E 177 12.51 10.42 -30.84
CA ALA E 177 12.37 9.53 -29.69
C ALA E 177 12.57 10.28 -28.38
N LEU E 178 13.58 11.15 -28.32
CA LEU E 178 13.79 11.97 -27.14
C LEU E 178 12.70 13.02 -26.98
N LEU E 179 12.09 13.45 -28.09
CA LEU E 179 10.95 14.36 -28.00
C LEU E 179 9.75 13.65 -27.38
N ALA E 180 9.56 12.37 -27.73
CA ALA E 180 8.54 11.56 -27.08
C ALA E 180 8.80 11.39 -25.60
N THR E 181 10.07 11.14 -25.24
CA THR E 181 10.45 11.04 -23.84
C THR E 181 10.17 12.33 -23.10
N ALA E 182 10.54 13.46 -23.72
CA ALA E 182 10.41 14.75 -23.07
C ALA E 182 8.96 15.15 -22.86
N ILE E 183 8.09 14.84 -23.82
CA ILE E 183 6.67 15.15 -23.61
C ILE E 183 6.06 14.20 -22.59
N GLY E 184 6.54 12.94 -22.52
CA GLY E 184 6.14 12.06 -21.44
C GLY E 184 6.56 12.56 -20.07
N LEU E 185 7.74 13.17 -19.99
CA LEU E 185 8.23 13.70 -18.72
C LEU E 185 7.50 14.97 -18.30
N VAL E 186 7.22 15.86 -19.27
CA VAL E 186 6.45 17.08 -19.02
C VAL E 186 5.03 16.73 -18.58
N ALA E 187 4.46 15.67 -19.15
CA ALA E 187 3.17 15.19 -18.66
C ALA E 187 3.29 14.49 -17.31
N ALA E 188 4.45 13.89 -17.01
CA ALA E 188 4.55 13.02 -15.84
C ALA E 188 4.69 13.80 -14.55
N ILE E 189 5.66 14.72 -14.49
CA ILE E 189 6.07 15.27 -13.19
C ILE E 189 5.00 16.17 -12.53
N PRO E 190 4.48 17.24 -13.16
CA PRO E 190 3.51 18.08 -12.43
C PRO E 190 2.19 17.40 -12.16
N ALA E 191 1.86 16.31 -12.85
CA ALA E 191 0.58 15.65 -12.61
C ALA E 191 0.59 14.90 -11.28
N VAL E 192 1.63 14.10 -11.02
CA VAL E 192 1.74 13.48 -9.71
C VAL E 192 2.06 14.52 -8.64
N VAL E 193 2.74 15.61 -9.01
CA VAL E 193 2.94 16.72 -8.08
C VAL E 193 1.59 17.29 -7.64
N ILE E 194 0.72 17.55 -8.59
CA ILE E 194 -0.59 18.12 -8.32
C ILE E 194 -1.48 17.14 -7.58
N TYR E 195 -1.31 15.83 -7.81
CA TYR E 195 -2.09 14.89 -7.00
C TYR E 195 -1.57 14.80 -5.57
N ASN E 196 -0.26 15.01 -5.36
CA ASN E 196 0.21 15.08 -3.98
C ASN E 196 -0.28 16.35 -3.28
N VAL E 197 -0.36 17.44 -4.03
CA VAL E 197 -1.01 18.66 -3.54
C VAL E 197 -2.47 18.40 -3.20
N PHE E 198 -3.15 17.64 -4.04
CA PHE E 198 -4.55 17.33 -3.80
C PHE E 198 -4.73 16.31 -2.71
N ALA E 199 -3.73 15.49 -2.44
CA ALA E 199 -3.79 14.60 -1.28
C ALA E 199 -3.59 15.40 0.00
N ARG E 200 -2.81 16.48 -0.06
CA ARG E 200 -2.78 17.37 1.10
C ARG E 200 -4.11 18.11 1.24
N GLN E 201 -4.77 18.41 0.13
CA GLN E 201 -6.12 18.95 0.20
C GLN E 201 -7.09 17.94 0.82
N ILE E 202 -6.94 16.67 0.44
CA ILE E 202 -7.68 15.56 1.05
C ILE E 202 -7.46 15.57 2.56
N GLY E 203 -6.20 15.63 2.97
CA GLY E 203 -5.88 15.61 4.40
C GLY E 203 -6.45 16.80 5.15
N GLY E 204 -6.22 18.00 4.63
CA GLY E 204 -6.69 19.21 5.31
C GLY E 204 -8.20 19.31 5.37
N PHE E 205 -8.86 19.16 4.23
CA PHE E 205 -10.30 19.32 4.18
C PHE E 205 -11.03 18.18 4.88
N LYS E 206 -10.61 16.94 4.61
CA LYS E 206 -11.15 15.77 5.30
C LYS E 206 -11.01 15.89 6.79
N ALA E 207 -9.82 16.26 7.27
CA ALA E 207 -9.57 16.35 8.70
C ALA E 207 -10.39 17.45 9.34
N MET E 208 -10.38 18.64 8.75
CA MET E 208 -11.08 19.77 9.37
C MET E 208 -12.59 19.61 9.29
N LEU E 209 -13.08 19.07 8.18
CA LEU E 209 -14.52 18.84 8.11
C LEU E 209 -14.92 17.66 8.99
N GLY E 210 -14.01 16.72 9.22
CA GLY E 210 -14.27 15.71 10.20
C GLY E 210 -14.22 16.25 11.61
N ASP E 211 -13.43 17.30 11.84
CA ASP E 211 -13.47 18.01 13.11
C ASP E 211 -14.83 18.64 13.31
N VAL E 212 -15.37 19.23 12.24
CA VAL E 212 -16.69 19.84 12.30
C VAL E 212 -17.76 18.77 12.52
N ALA E 213 -17.61 17.61 11.88
CA ALA E 213 -18.56 16.52 12.04
C ALA E 213 -18.51 15.98 13.46
N ALA E 214 -17.31 15.84 14.01
CA ALA E 214 -17.15 15.42 15.39
C ALA E 214 -17.69 16.48 16.35
N GLN E 215 -17.56 17.75 15.97
CA GLN E 215 -18.14 18.84 16.75
C GLN E 215 -19.64 18.72 16.84
N VAL E 216 -20.30 18.48 15.70
CA VAL E 216 -21.75 18.33 15.68
C VAL E 216 -22.17 17.06 16.42
N LEU E 217 -21.38 15.99 16.28
CA LEU E 217 -21.68 14.75 16.98
C LEU E 217 -21.51 14.91 18.48
N LEU E 218 -20.52 15.68 18.91
CA LEU E 218 -20.37 16.00 20.32
C LEU E 218 -21.51 16.86 20.83
N LEU E 219 -21.92 17.86 20.04
CA LEU E 219 -23.02 18.73 20.42
C LEU E 219 -24.31 17.95 20.59
N GLN E 220 -24.70 17.21 19.56
CA GLN E 220 -25.94 16.46 19.64
C GLN E 220 -25.80 15.26 20.55
N SER E 221 -24.57 14.78 20.79
CA SER E 221 -24.34 13.72 21.76
C SER E 221 -24.59 14.23 23.17
N ARG E 222 -24.05 15.42 23.49
CA ARG E 222 -24.29 16.02 24.79
C ARG E 222 -25.75 16.45 24.95
N ASP E 223 -26.42 16.82 23.85
CA ASP E 223 -27.81 17.20 23.96
C ASP E 223 -28.72 15.99 24.18
N LEU E 224 -28.42 14.88 23.51
CA LEU E 224 -29.17 13.65 23.78
C LEU E 224 -28.81 13.06 25.13
N ASP E 225 -27.61 13.34 25.65
CA ASP E 225 -27.31 12.99 27.03
C ASP E 225 -28.10 13.83 28.00
N LEU E 226 -28.28 15.13 27.69
CA LEU E 226 -29.14 15.98 28.49
C LEU E 226 -30.61 15.57 28.39
N GLU E 227 -31.01 14.95 27.29
CA GLU E 227 -32.37 14.44 27.21
C GLU E 227 -32.52 13.11 27.92
N ALA E 228 -31.51 12.23 27.84
CA ALA E 228 -31.55 10.96 28.55
C ALA E 228 -31.36 11.16 30.05
N SER E 229 -30.75 12.26 30.44
CA SER E 229 -30.62 12.65 31.84
C SER E 229 -31.25 14.01 32.10
N ALA E 230 -32.38 14.29 31.46
CA ALA E 230 -33.02 15.61 31.59
C ALA E 230 -33.67 15.76 32.95
N ALA E 231 -34.67 14.95 33.24
CA ALA E 231 -35.19 14.84 34.61
C ALA E 231 -34.57 13.66 35.34
N ALA E 232 -33.24 13.52 35.26
CA ALA E 232 -32.53 12.50 36.02
C ALA E 232 -31.43 13.10 36.90
N HIS E 233 -30.60 13.98 36.35
CA HIS E 233 -29.54 14.62 37.13
C HIS E 233 -30.11 15.63 38.12
N PRO E 234 -31.14 16.44 37.76
CA PRO E 234 -31.77 17.09 38.93
C PRO E 234 -32.65 16.13 39.72
N ASN F 1 8.76 1.84 -7.65
CA ASN F 1 8.26 0.50 -7.95
C ASN F 1 8.61 0.09 -9.37
N VAL F 2 8.12 0.88 -10.33
CA VAL F 2 8.33 0.55 -11.74
C VAL F 2 9.44 1.45 -12.31
N THR F 3 10.29 1.98 -11.45
CA THR F 3 11.35 2.94 -11.78
C THR F 3 12.51 2.48 -12.69
N PRO F 4 13.19 1.30 -12.47
CA PRO F 4 14.58 1.17 -12.93
C PRO F 4 14.79 1.01 -14.42
N PHE F 5 13.77 1.28 -15.23
CA PHE F 5 13.82 0.96 -16.64
C PHE F 5 14.33 2.15 -17.43
N ILE F 6 14.99 3.04 -16.70
CA ILE F 6 16.11 3.82 -17.20
C ILE F 6 17.28 2.93 -17.61
N ASP F 7 17.34 1.70 -17.09
CA ASP F 7 18.26 0.70 -17.61
C ASP F 7 18.03 0.41 -19.08
N VAL F 8 16.79 0.56 -19.55
CA VAL F 8 16.53 0.45 -20.98
C VAL F 8 17.25 1.55 -21.74
N MET F 9 17.30 2.75 -21.15
CA MET F 9 18.11 3.81 -21.73
C MET F 9 19.60 3.48 -21.63
N LEU F 10 19.99 2.74 -20.60
CA LEU F 10 21.39 2.33 -20.50
C LEU F 10 21.74 1.33 -21.61
N VAL F 11 20.78 0.48 -21.95
CA VAL F 11 20.93 -0.39 -23.11
C VAL F 11 21.02 0.44 -24.39
N LEU F 12 20.24 1.53 -24.45
CA LEU F 12 20.34 2.44 -25.58
C LEU F 12 21.70 3.13 -25.63
N LEU F 13 22.30 3.36 -24.46
CA LEU F 13 23.67 3.88 -24.43
C LEU F 13 24.67 2.86 -24.89
N ILE F 14 24.41 1.58 -24.64
CA ILE F 14 25.25 0.51 -25.19
C ILE F 14 25.16 0.51 -26.72
N ILE F 15 23.95 0.76 -27.24
CA ILE F 15 23.75 0.88 -28.69
C ILE F 15 24.48 2.11 -29.22
N PHE F 16 24.46 3.20 -28.45
CA PHE F 16 25.24 4.39 -28.78
C PHE F 16 26.73 4.09 -28.81
N MET F 17 27.19 3.20 -27.93
CA MET F 17 28.59 2.83 -27.91
C MET F 17 28.96 1.93 -29.09
N VAL F 18 28.07 1.03 -29.51
CA VAL F 18 28.41 0.19 -30.65
C VAL F 18 28.30 0.97 -31.96
N ALA F 19 27.54 2.07 -31.97
CA ALA F 19 27.54 2.96 -33.12
C ALA F 19 28.86 3.74 -33.26
N ALA F 20 29.63 3.86 -32.19
CA ALA F 20 30.85 4.67 -32.16
C ALA F 20 32.00 4.18 -33.05
N PRO F 21 32.46 2.90 -32.99
CA PRO F 21 33.68 2.56 -33.76
C PRO F 21 33.48 2.49 -35.26
N LEU F 22 32.23 2.57 -35.70
CA LEU F 22 31.90 2.55 -37.10
C LEU F 22 32.36 3.84 -37.78
#